data_5LO4
#
_entry.id   5LO4
#
_entity_poly.entity_id   1
_entity_poly.type   'polypeptide(L)'
_entity_poly.pdbx_seq_one_letter_code
;(ACE)PPTKPTKPGDNATPEKLAK(4PH)QADLAK(4PH)QKDLAD(4PH)(NH2)
;
_entity_poly.pdbx_strand_id   A
#
loop_
_chem_comp.id
_chem_comp.type
_chem_comp.name
_chem_comp.formula
ACE non-polymer 'ACETYL GROUP' 'C2 H4 O'
NH2 non-polymer 'AMINO GROUP' 'H2 N'
#
# COMPACT_ATOMS: atom_id res chain seq x y z
C ACE A 1 12.48 -7.10 -6.94
O ACE A 1 13.23 -6.41 -6.25
CH3 ACE A 1 12.22 -6.76 -8.38
H1 ACE A 1 11.19 -6.42 -8.47
H2 ACE A 1 12.37 -7.63 -8.98
H3 ACE A 1 12.92 -5.98 -8.68
N PRO A 2 11.90 -8.21 -6.45
CA PRO A 2 10.45 -8.36 -6.33
C PRO A 2 9.83 -7.24 -5.47
N PRO A 3 8.86 -6.50 -6.01
CA PRO A 3 8.17 -5.45 -5.26
C PRO A 3 7.58 -5.97 -3.96
N THR A 4 8.13 -5.54 -2.84
CA THR A 4 7.66 -6.00 -1.54
C THR A 4 6.57 -5.08 -1.02
N LYS A 5 5.38 -5.63 -0.82
CA LYS A 5 4.25 -4.85 -0.36
C LYS A 5 4.21 -4.81 1.16
N PRO A 6 3.65 -3.74 1.75
CA PRO A 6 3.41 -3.65 3.19
C PRO A 6 2.28 -4.57 3.63
N THR A 7 2.17 -4.81 4.93
CA THR A 7 1.12 -5.67 5.45
C THR A 7 -0.15 -4.87 5.71
N LYS A 8 -1.28 -5.58 5.77
CA LYS A 8 -2.58 -4.97 5.98
C LYS A 8 -2.65 -4.31 7.36
N PRO A 9 -2.92 -3.00 7.40
CA PRO A 9 -3.02 -2.24 8.65
C PRO A 9 -4.08 -2.82 9.61
N GLY A 10 -3.67 -3.03 10.85
CA GLY A 10 -4.60 -3.51 11.85
C GLY A 10 -5.10 -2.39 12.74
N ASP A 11 -4.22 -1.89 13.59
CA ASP A 11 -4.56 -0.79 14.49
C ASP A 11 -4.22 0.53 13.84
N ASN A 12 -3.33 0.48 12.85
CA ASN A 12 -2.92 1.65 12.09
C ASN A 12 -3.86 1.91 10.93
N ALA A 13 -4.97 1.18 10.90
CA ALA A 13 -5.95 1.27 9.84
C ALA A 13 -6.86 2.49 10.00
N THR A 14 -6.36 3.51 10.68
CA THR A 14 -7.10 4.75 10.85
C THR A 14 -7.35 5.41 9.51
N PRO A 15 -8.59 5.89 9.27
CA PRO A 15 -9.04 6.40 7.97
C PRO A 15 -7.99 7.19 7.18
N GLU A 16 -7.37 8.17 7.83
CA GLU A 16 -6.42 9.04 7.14
C GLU A 16 -5.17 8.28 6.70
N LYS A 17 -4.66 7.43 7.58
CA LYS A 17 -3.44 6.69 7.30
C LYS A 17 -3.75 5.51 6.39
N LEU A 18 -4.98 5.02 6.48
CA LEU A 18 -5.46 3.93 5.65
C LEU A 18 -5.54 4.40 4.19
N ALA A 19 -5.89 5.67 4.01
CA ALA A 19 -5.94 6.28 2.69
C ALA A 19 -4.54 6.39 2.10
N LYS A 20 -3.59 6.78 2.93
CA LYS A 20 -2.19 6.83 2.52
C LYS A 20 -1.71 5.44 2.13
CA 4PH A 21 -1.80 3.06 2.61
CB 4PH A 21 -2.40 2.14 3.68
CG 4PH A 21 -2.13 0.68 3.45
CD2 4PH A 21 -0.87 0.15 3.71
CD1 4PH A 21 -3.11 -0.15 2.96
CE2 4PH A 21 -0.61 -1.18 3.49
CE1 4PH A 21 -2.86 -1.49 2.73
CZ 4PH A 21 -1.61 -2.00 2.99
C 4PH A 21 -2.30 2.67 1.21
C33 4PH A 21 -1.34 -3.34 2.72
O 4PH A 21 -1.53 2.15 0.41
N 4PH A 21 -2.14 4.44 2.89
HA 4PH A 21 -0.73 2.97 2.63
HB2 4PH A 21 -3.47 2.27 3.69
HB3 4PH A 21 -1.99 2.41 4.64
HD2 4PH A 21 -0.10 0.79 4.11
HD1 4PH A 21 -4.09 0.25 2.75
HE2 4PH A 21 0.36 -1.59 3.70
HE1 4PH A 21 -3.64 -2.14 2.35
H33 4PH A 21 -0.30 -3.43 2.41
H33A 4PH A 21 -1.52 -3.93 3.59
H33B 4PH A 21 -1.97 -3.66 1.90
H 4PH A 21 -2.70 4.65 3.68
N GLN A 22 -3.56 2.95 0.92
CA GLN A 22 -4.13 2.65 -0.39
C GLN A 22 -3.38 3.40 -1.50
N ALA A 23 -2.89 4.60 -1.18
CA ALA A 23 -2.13 5.40 -2.13
C ALA A 23 -0.77 4.76 -2.39
N ASP A 24 -0.15 4.25 -1.34
CA ASP A 24 1.15 3.62 -1.46
C ASP A 24 1.04 2.28 -2.17
N LEU A 25 -0.09 1.60 -1.98
CA LEU A 25 -0.37 0.36 -2.69
C LEU A 25 -0.53 0.61 -4.18
N ALA A 26 -1.00 1.80 -4.54
CA ALA A 26 -1.10 2.17 -5.94
C ALA A 26 0.27 2.19 -6.58
N LYS A 27 1.27 2.64 -5.83
CA LYS A 27 2.65 2.65 -6.31
C LYS A 27 3.16 1.22 -6.45
CA 4PH A 28 3.20 -1.01 -5.49
CB 4PH A 28 2.77 -1.68 -4.19
CG 4PH A 28 2.79 -3.19 -4.22
CD2 4PH A 28 1.62 -3.91 -4.16
CD1 4PH A 28 3.99 -3.88 -4.32
CE2 4PH A 28 1.62 -5.29 -4.19
CE1 4PH A 28 4.00 -5.26 -4.35
CZ 4PH A 28 2.82 -5.96 -4.29
C 4PH A 28 2.57 -1.74 -6.69
C33 4PH A 28 2.84 -7.35 -4.31
O 4PH A 28 3.27 -2.44 -7.42
N 4PH A 28 2.82 0.39 -5.48
HA 4PH A 28 4.27 -1.06 -5.58
HB2 4PH A 28 1.77 -1.38 -3.95
HB3 4PH A 28 3.44 -1.38 -3.39
HD2 4PH A 28 0.67 -3.39 -4.08
HD1 4PH A 28 4.92 -3.34 -4.37
HE2 4PH A 28 0.70 -5.84 -4.14
HE1 4PH A 28 4.95 -5.80 -4.43
H33 4PH A 28 1.93 -7.71 -4.77
H33A 4PH A 28 3.70 -7.69 -4.87
H33B 4PH A 28 2.89 -7.72 -3.30
H 4PH A 28 2.28 0.73 -4.73
N GLN A 29 1.27 -1.53 -6.90
CA GLN A 29 0.57 -2.18 -8.00
C GLN A 29 1.11 -1.70 -9.35
N LYS A 30 1.53 -0.44 -9.41
CA LYS A 30 2.13 0.11 -10.62
C LYS A 30 3.45 -0.59 -10.91
N ASP A 31 4.26 -0.76 -9.88
CA ASP A 31 5.57 -1.38 -10.01
C ASP A 31 5.44 -2.88 -10.20
N LEU A 32 4.39 -3.45 -9.65
CA LEU A 32 4.10 -4.89 -9.79
C LEU A 32 3.83 -5.19 -11.26
N ALA A 33 3.12 -4.29 -11.93
CA ALA A 33 2.81 -4.43 -13.35
C ALA A 33 4.08 -4.50 -14.17
N ASP A 34 5.11 -3.80 -13.72
CA ASP A 34 6.42 -3.83 -14.37
C ASP A 34 7.10 -5.17 -14.14
CA 4PH A 35 7.54 -6.97 -12.56
CB 4PH A 35 7.39 -7.17 -11.05
CG 4PH A 35 8.01 -8.44 -10.54
CD2 4PH A 35 7.22 -9.44 -9.97
CD1 4PH A 35 9.38 -8.63 -10.59
CE2 4PH A 35 7.79 -10.60 -9.48
CE1 4PH A 35 9.96 -9.78 -10.09
CZ 4PH A 35 9.16 -10.76 -9.55
C 4PH A 35 6.90 -8.13 -13.32
C33 4PH A 35 9.74 -11.92 -9.04
O 4PH A 35 5.72 -8.43 -13.12
N 4PH A 35 6.94 -5.70 -12.94
HA 4PH A 35 8.58 -6.93 -12.81
HB2 4PH A 35 6.34 -7.19 -10.81
HB3 4PH A 35 7.85 -6.35 -10.54
HD2 4PH A 35 6.15 -9.30 -9.92
HD1 4PH A 35 10.00 -7.86 -11.03
HE2 4PH A 35 7.17 -11.36 -9.05
HE1 4PH A 35 11.02 -9.91 -10.15
H33 4PH A 35 9.14 -12.29 -8.21
H33A 4PH A 35 9.80 -12.67 -9.81
H33B 4PH A 35 10.73 -11.69 -8.68
H 4PH A 35 6.40 -5.21 -12.28
N NH2 A 36 7.67 -8.75 -14.19
HN1 NH2 A 36 8.59 -8.45 -14.30
HN2 NH2 A 36 7.28 -9.51 -14.69
C ACE A 1 14.18 -5.30 -6.81
O ACE A 1 14.71 -4.29 -6.36
CH3 ACE A 1 13.75 -5.36 -8.25
H1 ACE A 1 14.20 -6.23 -8.71
H2 ACE A 1 14.09 -4.48 -8.77
H3 ACE A 1 12.67 -5.41 -8.30
N PRO A 2 13.95 -6.38 -6.06
CA PRO A 2 12.59 -6.89 -5.79
C PRO A 2 11.74 -5.86 -5.04
N PRO A 3 10.55 -5.54 -5.57
CA PRO A 3 9.66 -4.55 -4.97
C PRO A 3 9.10 -5.00 -3.61
N THR A 4 9.29 -4.18 -2.60
CA THR A 4 8.81 -4.49 -1.26
C THR A 4 7.31 -4.25 -1.14
N LYS A 5 6.58 -5.27 -0.73
CA LYS A 5 5.14 -5.19 -0.60
C LYS A 5 4.74 -4.72 0.80
N PRO A 6 3.62 -3.98 0.89
CA PRO A 6 3.08 -3.51 2.18
C PRO A 6 2.29 -4.59 2.91
N THR A 7 1.91 -4.29 4.15
CA THR A 7 1.15 -5.23 4.97
C THR A 7 -0.16 -4.58 5.42
N LYS A 8 -1.20 -5.41 5.55
CA LYS A 8 -2.54 -4.93 5.92
C LYS A 8 -2.56 -4.30 7.31
N PRO A 9 -2.91 -3.00 7.39
CA PRO A 9 -3.05 -2.30 8.66
C PRO A 9 -4.24 -2.81 9.47
N GLY A 10 -3.98 -3.18 10.72
CA GLY A 10 -5.04 -3.60 11.61
C GLY A 10 -5.44 -2.50 12.57
N ASP A 11 -4.56 -2.20 13.52
CA ASP A 11 -4.81 -1.14 14.48
C ASP A 11 -4.37 0.20 13.91
N ASN A 12 -3.36 0.15 13.06
CA ASN A 12 -2.84 1.35 12.40
C ASN A 12 -3.66 1.69 11.16
N ALA A 13 -4.79 1.00 11.01
CA ALA A 13 -5.68 1.19 9.87
C ALA A 13 -6.51 2.47 10.00
N THR A 14 -5.99 3.44 10.73
CA THR A 14 -6.66 4.72 10.89
C THR A 14 -6.96 5.35 9.53
N PRO A 15 -8.18 5.87 9.34
CA PRO A 15 -8.64 6.42 8.05
C PRO A 15 -7.60 7.33 7.38
N GLU A 16 -6.91 8.12 8.17
CA GLU A 16 -5.93 9.07 7.66
C GLU A 16 -4.72 8.37 7.04
N LYS A 17 -4.33 7.26 7.65
CA LYS A 17 -3.19 6.49 7.18
C LYS A 17 -3.65 5.46 6.16
N LEU A 18 -4.87 4.97 6.33
CA LEU A 18 -5.46 3.97 5.46
C LEU A 18 -5.63 4.53 4.05
N ALA A 19 -5.95 5.81 3.97
CA ALA A 19 -6.12 6.49 2.69
C ALA A 19 -4.79 6.57 1.95
N LYS A 20 -3.74 6.95 2.69
CA LYS A 20 -2.40 7.02 2.11
C LYS A 20 -1.90 5.61 1.78
CA 4PH A 21 -2.01 3.24 2.35
CB 4PH A 21 -2.58 2.37 3.47
CG 4PH A 21 -2.37 0.90 3.28
CD2 4PH A 21 -1.11 0.35 3.44
CD1 4PH A 21 -3.43 0.08 2.93
CE2 4PH A 21 -0.92 -1.00 3.24
CE1 4PH A 21 -3.23 -1.27 2.73
CZ 4PH A 21 -1.98 -1.81 2.89
C 4PH A 21 -2.58 2.81 0.99
C33 4PH A 21 -1.77 -3.15 2.63
O 4PH A 21 -1.90 2.16 0.22
N 4PH A 21 -2.32 4.65 2.60
HA 4PH A 21 -0.93 3.14 2.33
HB2 4PH A 21 -3.64 2.56 3.55
HB3 4PH A 21 -2.11 2.66 4.41
HD2 4PH A 21 -0.29 0.98 3.71
HD1 4PH A 21 -4.41 0.52 2.80
HE2 4PH A 21 0.06 -1.43 3.37
HE1 4PH A 21 -4.07 -1.90 2.45
H33 4PH A 21 -2.50 -3.49 1.91
H33A 4PH A 21 -0.78 -3.29 2.22
H33B 4PH A 21 -1.87 -3.72 3.54
H 4PH A 21 -2.83 4.88 3.39
N GLN A 22 -3.82 3.20 0.71
CA GLN A 22 -4.44 2.89 -0.57
C GLN A 22 -3.68 3.54 -1.72
N ALA A 23 -3.10 4.70 -1.46
CA ALA A 23 -2.27 5.39 -2.46
C ALA A 23 -0.94 4.68 -2.61
N ASP A 24 -0.43 4.17 -1.49
CA ASP A 24 0.81 3.41 -1.48
C ASP A 24 0.66 2.11 -2.26
N LEU A 25 -0.50 1.48 -2.12
CA LEU A 25 -0.82 0.26 -2.87
C LEU A 25 -0.84 0.56 -4.36
N ALA A 26 -1.25 1.76 -4.72
CA ALA A 26 -1.26 2.16 -6.12
C ALA A 26 0.17 2.20 -6.65
N LYS A 27 1.07 2.70 -5.82
CA LYS A 27 2.49 2.74 -6.16
C LYS A 27 3.03 1.33 -6.33
CA 4PH A 28 3.18 -0.90 -5.34
CB 4PH A 28 2.79 -1.59 -4.02
CG 4PH A 28 2.96 -3.08 -4.03
CD2 4PH A 28 1.86 -3.91 -3.90
CD1 4PH A 28 4.22 -3.66 -4.16
CE2 4PH A 28 2.00 -5.28 -3.91
CE1 4PH A 28 4.36 -5.04 -4.17
CZ 4PH A 28 3.25 -5.84 -4.05
C 4PH A 28 2.63 -1.69 -6.53
C33 4PH A 28 3.39 -7.22 -4.08
O 4PH A 28 3.40 -2.33 -7.24
N 4PH A 28 2.71 0.47 -5.36
HA 4PH A 28 4.25 -0.88 -5.42
HB2 4PH A 28 1.75 -1.37 -3.81
HB3 4PH A 28 3.40 -1.18 -3.22
HD2 4PH A 28 0.88 -3.48 -3.79
HD1 4PH A 28 5.09 -3.03 -4.26
HE2 4PH A 28 1.13 -5.92 -3.82
HE1 4PH A 28 5.34 -5.47 -4.27
H33 4PH A 28 3.32 -7.57 -5.10
H33A 4PH A 28 4.34 -7.49 -3.67
H33B 4PH A 28 2.60 -7.67 -3.49
H 4PH A 28 2.14 0.79 -4.62
N GLN A 29 1.33 -1.62 -6.75
CA GLN A 29 0.69 -2.39 -7.81
C GLN A 29 1.22 -1.99 -9.18
N LYS A 30 1.44 -0.69 -9.36
CA LYS A 30 1.98 -0.16 -10.61
C LYS A 30 3.39 -0.69 -10.85
N ASP A 31 4.21 -0.66 -9.82
CA ASP A 31 5.60 -1.08 -9.94
C ASP A 31 5.68 -2.61 -10.06
N LEU A 32 4.79 -3.30 -9.37
CA LEU A 32 4.72 -4.76 -9.44
C LEU A 32 4.34 -5.18 -10.86
N ALA A 33 3.41 -4.45 -11.47
CA ALA A 33 3.00 -4.70 -12.84
C ALA A 33 4.14 -4.47 -13.80
N ASP A 34 5.02 -3.54 -13.46
CA ASP A 34 6.19 -3.24 -14.28
C ASP A 34 7.27 -4.32 -14.10
CA 4PH A 35 8.47 -5.75 -12.55
CB 4PH A 35 8.67 -5.86 -11.04
CG 4PH A 35 9.72 -6.85 -10.62
CD2 4PH A 35 11.05 -6.61 -10.89
CD1 4PH A 35 9.38 -8.02 -9.96
CE2 4PH A 35 12.03 -7.51 -10.51
CE1 4PH A 35 10.35 -8.93 -9.57
CZ 4PH A 35 11.67 -8.66 -9.85
C 4PH A 35 8.07 -7.11 -13.14
C33 4PH A 35 12.65 -9.57 -9.45
O 4PH A 35 8.78 -7.67 -13.97
N 4PH A 35 7.48 -4.74 -12.87
HA 4PH A 35 9.40 -5.45 -13.00
HB2 4PH A 35 7.73 -6.16 -10.59
HB3 4PH A 35 8.94 -4.90 -10.64
HD2 4PH A 35 11.34 -5.70 -11.41
HD1 4PH A 35 8.34 -8.23 -9.74
HE2 4PH A 35 13.07 -7.30 -10.72
HE1 4PH A 35 10.06 -9.82 -9.05
H33 4PH A 35 12.99 -9.32 -8.46
H33A 4PH A 35 12.25 -10.57 -9.46
H33B 4PH A 35 13.49 -9.51 -10.14
H 4PH A 35 6.95 -4.35 -12.14
N NH2 A 36 6.92 -7.60 -12.72
HN1 NH2 A 36 6.40 -7.09 -12.06
HN2 NH2 A 36 6.64 -8.47 -13.09
C ACE A 1 13.30 -7.60 -6.81
O ACE A 1 13.97 -7.01 -5.97
CH3 ACE A 1 13.27 -7.14 -8.24
H1 ACE A 1 14.09 -6.46 -8.41
H2 ACE A 1 12.34 -6.64 -8.43
H3 ACE A 1 13.33 -8.01 -8.88
N PRO A 2 12.57 -8.69 -6.49
CA PRO A 2 11.10 -8.71 -6.58
C PRO A 2 10.46 -7.65 -5.68
N PRO A 3 9.40 -6.99 -6.15
CA PRO A 3 8.72 -5.94 -5.38
C PRO A 3 8.05 -6.47 -4.12
N THR A 4 8.35 -5.85 -2.98
CA THR A 4 7.76 -6.24 -1.72
C THR A 4 6.42 -5.55 -1.52
N LYS A 5 5.37 -6.34 -1.33
CA LYS A 5 4.04 -5.79 -1.06
C LYS A 5 4.02 -5.10 0.31
N PRO A 6 3.25 -4.00 0.42
CA PRO A 6 3.09 -3.27 1.68
C PRO A 6 2.42 -4.11 2.76
N THR A 7 2.65 -3.76 4.02
CA THR A 7 2.10 -4.52 5.14
C THR A 7 0.71 -3.99 5.54
N LYS A 8 -0.20 -4.92 5.76
CA LYS A 8 -1.59 -4.60 6.11
C LYS A 8 -1.69 -3.92 7.49
N PRO A 9 -2.29 -2.72 7.52
CA PRO A 9 -2.58 -2.03 8.78
C PRO A 9 -3.72 -2.71 9.55
N GLY A 10 -3.52 -2.93 10.84
CA GLY A 10 -4.57 -3.52 11.65
C GLY A 10 -5.30 -2.48 12.46
N ASP A 11 -4.62 -1.95 13.47
CA ASP A 11 -5.19 -0.92 14.32
C ASP A 11 -4.96 0.45 13.71
N ASN A 12 -3.88 0.56 12.95
CA ASN A 12 -3.52 1.81 12.28
C ASN A 12 -4.27 1.93 10.95
N ALA A 13 -5.21 1.02 10.71
CA ALA A 13 -6.00 1.00 9.49
C ALA A 13 -7.09 2.07 9.52
N THR A 14 -6.88 3.10 10.31
CA THR A 14 -7.81 4.20 10.42
C THR A 14 -7.91 4.91 9.08
N PRO A 15 -9.11 5.39 8.70
CA PRO A 15 -9.32 6.09 7.42
C PRO A 15 -8.29 7.17 7.13
N GLU A 16 -7.70 7.71 8.20
CA GLU A 16 -6.70 8.77 8.11
C GLU A 16 -5.40 8.25 7.50
N LYS A 17 -4.90 7.14 8.05
CA LYS A 17 -3.64 6.56 7.60
C LYS A 17 -3.88 5.60 6.44
N LEU A 18 -5.07 5.00 6.43
CA LEU A 18 -5.44 4.04 5.40
C LEU A 18 -5.42 4.71 4.03
N ALA A 19 -5.75 6.00 4.01
CA ALA A 19 -5.75 6.78 2.78
C ALA A 19 -4.34 6.89 2.22
N LYS A 20 -3.37 7.09 3.10
CA LYS A 20 -1.98 7.14 2.69
C LYS A 20 -1.49 5.75 2.29
CA 4PH A 21 -1.64 3.36 2.69
CB 4PH A 21 -2.25 2.41 3.73
CG 4PH A 21 -1.95 0.97 3.49
CD2 4PH A 21 -0.67 0.48 3.63
CD1 4PH A 21 -2.97 0.10 3.09
CE2 4PH A 21 -0.40 -0.84 3.39
CE1 4PH A 21 -2.70 -1.23 2.87
CZ 4PH A 21 -1.41 -1.70 3.00
C 4PH A 21 -2.12 2.99 1.28
C33 4PH A 21 -1.14 -3.03 2.71
O 4PH A 21 -1.41 2.29 0.54
N 4PH A 21 -1.98 4.74 2.99
HA 4PH A 21 -0.56 3.28 2.73
HB2 4PH A 21 -3.33 2.55 3.73
HB3 4PH A 21 -1.87 2.67 4.71
HD2 4PH A 21 0.12 1.15 3.93
HD1 4PH A 21 -3.97 0.48 2.99
HE2 4PH A 21 0.61 -1.21 3.50
HE1 4PH A 21 -3.49 -1.89 2.56
H33 4PH A 21 -1.20 -3.62 3.61
H33A 4PH A 21 -1.83 -3.39 1.97
H33B 4PH A 21 -0.13 -3.10 2.33
H 4PH A 21 -2.59 4.93 3.74
N GLN A 22 -3.30 3.47 0.90
CA GLN A 22 -3.82 3.24 -0.44
C GLN A 22 -2.91 3.84 -1.50
N ALA A 23 -2.15 4.87 -1.12
CA ALA A 23 -1.20 5.49 -2.01
C ALA A 23 0.00 4.56 -2.23
N ASP A 24 0.39 3.87 -1.17
CA ASP A 24 1.49 2.92 -1.23
C ASP A 24 1.09 1.74 -2.13
N LEU A 25 -0.19 1.38 -2.06
CA LEU A 25 -0.73 0.33 -2.93
C LEU A 25 -0.68 0.74 -4.39
N ALA A 26 -0.95 2.01 -4.64
CA ALA A 26 -0.91 2.54 -6.00
C ALA A 26 0.49 2.38 -6.58
N LYS A 27 1.50 2.60 -5.74
CA LYS A 27 2.89 2.43 -6.16
C LYS A 27 3.19 0.96 -6.38
CA 4PH A 28 2.91 -1.32 -5.57
CB 4PH A 28 2.39 -2.00 -4.29
CG 4PH A 28 2.33 -3.51 -4.37
CD2 4PH A 28 1.11 -4.15 -4.22
CD1 4PH A 28 3.47 -4.26 -4.58
CE2 4PH A 28 1.03 -5.53 -4.30
CE1 4PH A 28 3.39 -5.64 -4.65
CZ 4PH A 28 2.17 -6.27 -4.50
C 4PH A 28 2.23 -1.92 -6.79
C33 4PH A 28 2.09 -7.65 -4.58
O 4PH A 28 2.85 -2.66 -7.54
N 4PH A 28 2.69 0.12 -5.48
HA 4PH A 28 3.97 -1.48 -5.64
HB2 4PH A 28 1.40 -1.64 -4.07
HB3 4PH A 28 3.05 -1.75 -3.47
HD2 4PH A 28 0.22 -3.57 -4.06
HD1 4PH A 28 4.43 -3.78 -4.69
HE2 4PH A 28 0.08 -6.02 -4.18
HE1 4PH A 28 4.28 -6.23 -4.81
H33 4PH A 28 1.91 -7.95 -5.61
H33A 4PH A 28 3.01 -8.09 -4.22
H33B 4PH A 28 1.26 -7.99 -3.97
H 4PH A 28 2.16 0.49 -4.74
N GLN A 29 0.96 -1.58 -7.00
CA GLN A 29 0.19 -2.14 -8.10
C GLN A 29 0.77 -1.71 -9.46
N LYS A 30 1.31 -0.50 -9.51
CA LYS A 30 1.97 -0.03 -10.72
C LYS A 30 3.27 -0.79 -10.95
N ASP A 31 4.07 -0.92 -9.90
CA ASP A 31 5.38 -1.55 -9.98
C ASP A 31 5.25 -3.07 -10.17
N LEU A 32 4.19 -3.64 -9.62
CA LEU A 32 3.94 -5.07 -9.76
C LEU A 32 3.67 -5.41 -11.22
N ALA A 33 2.79 -4.63 -11.85
CA ALA A 33 2.51 -4.77 -13.27
C ALA A 33 3.76 -4.49 -14.09
N ASP A 34 4.51 -3.50 -13.65
CA ASP A 34 5.75 -3.10 -14.30
C ASP A 34 6.77 -4.24 -14.25
CA 4PH A 35 7.72 -6.06 -12.94
CB 4PH A 35 7.76 -6.47 -11.46
CG 4PH A 35 8.77 -7.55 -11.17
CD2 4PH A 35 8.36 -8.85 -10.91
CD1 4PH A 35 10.12 -7.25 -11.15
CE2 4PH A 35 9.29 -9.83 -10.63
CE1 4PH A 35 11.06 -8.24 -10.89
CZ 4PH A 35 10.64 -9.52 -10.63
C 4PH A 35 7.28 -7.23 -13.80
C33 4PH A 35 11.58 -10.51 -10.36
O 4PH A 35 8.10 -7.94 -14.38
N 4PH A 35 6.83 -4.92 -13.11
HA 4PH A 35 8.71 -5.74 -13.24
HB2 4PH A 35 6.79 -6.84 -11.18
HB3 4PH A 35 8.01 -5.62 -10.85
HD2 4PH A 35 7.31 -9.09 -10.91
HD1 4PH A 35 10.44 -6.25 -11.35
HE2 4PH A 35 8.97 -10.85 -10.43
HE1 4PH A 35 12.11 -7.99 -10.88
H33 4PH A 35 11.87 -10.97 -11.29
H33A 4PH A 35 12.43 -10.07 -9.88
H33B 4PH A 35 11.13 -11.25 -9.72
H 4PH A 35 6.26 -4.64 -12.36
N NH2 A 36 5.97 -7.42 -13.91
HN1 NH2 A 36 5.38 -6.80 -13.43
HN2 NH2 A 36 5.65 -8.16 -14.46
C ACE A 1 13.19 -3.72 -7.22
O ACE A 1 13.44 -2.67 -6.63
CH3 ACE A 1 12.86 -3.74 -8.68
H1 ACE A 1 13.56 -4.39 -9.19
H2 ACE A 1 12.96 -2.74 -9.08
H3 ACE A 1 11.84 -4.07 -8.81
N PRO A 2 13.21 -4.90 -6.59
CA PRO A 2 12.02 -5.76 -6.46
C PRO A 2 10.90 -5.08 -5.67
N PRO A 3 9.69 -5.02 -6.23
CA PRO A 3 8.54 -4.41 -5.55
C PRO A 3 8.08 -5.26 -4.37
N THR A 4 8.04 -4.66 -3.18
CA THR A 4 7.64 -5.37 -1.99
C THR A 4 6.19 -5.05 -1.62
N LYS A 5 5.41 -6.10 -1.39
CA LYS A 5 4.00 -5.93 -1.05
C LYS A 5 3.84 -5.37 0.36
N PRO A 6 2.99 -4.35 0.52
CA PRO A 6 2.72 -3.73 1.82
C PRO A 6 1.93 -4.64 2.76
N THR A 7 1.98 -4.34 4.06
CA THR A 7 1.33 -5.16 5.06
C THR A 7 0.02 -4.53 5.53
N LYS A 8 -0.98 -5.37 5.79
CA LYS A 8 -2.29 -4.91 6.22
C LYS A 8 -2.23 -4.17 7.56
N PRO A 9 -2.64 -2.89 7.57
CA PRO A 9 -2.72 -2.11 8.81
C PRO A 9 -3.78 -2.66 9.77
N GLY A 10 -3.43 -2.76 11.04
CA GLY A 10 -4.37 -3.27 12.02
C GLY A 10 -5.03 -2.15 12.81
N ASP A 11 -4.26 -1.52 13.68
CA ASP A 11 -4.75 -0.40 14.48
C ASP A 11 -4.58 0.90 13.70
N ASN A 12 -3.53 0.94 12.90
CA ASN A 12 -3.21 2.09 12.08
C ASN A 12 -4.07 2.12 10.81
N ALA A 13 -5.06 1.24 10.76
CA ALA A 13 -5.98 1.17 9.63
C ALA A 13 -7.02 2.29 9.67
N THR A 14 -6.67 3.37 10.35
CA THR A 14 -7.54 4.53 10.44
C THR A 14 -7.70 5.19 9.09
N PRO A 15 -8.92 5.67 8.77
CA PRO A 15 -9.26 6.25 7.45
C PRO A 15 -8.13 7.09 6.84
N GLU A 16 -7.50 7.93 7.65
CA GLU A 16 -6.45 8.82 7.17
C GLU A 16 -5.18 8.04 6.80
N LYS A 17 -4.73 7.16 7.69
CA LYS A 17 -3.53 6.37 7.44
C LYS A 17 -3.81 5.27 6.41
N LEU A 18 -5.07 4.84 6.38
CA LEU A 18 -5.51 3.85 5.42
C LEU A 18 -5.49 4.42 4.02
N ALA A 19 -5.80 5.70 3.91
CA ALA A 19 -5.74 6.42 2.65
C ALA A 19 -4.31 6.49 2.16
N LYS A 20 -3.40 6.80 3.07
CA LYS A 20 -1.97 6.80 2.76
C LYS A 20 -1.53 5.40 2.35
CA 4PH A 21 -1.83 3.02 2.66
CB 4PH A 21 -2.51 2.10 3.68
CG 4PH A 21 -2.31 0.63 3.43
CD2 4PH A 21 -3.35 -0.18 3.02
CD1 4PH A 21 -1.06 0.06 3.62
CE2 4PH A 21 -3.17 -1.51 2.79
CE1 4PH A 21 -0.87 -1.28 3.39
CZ 4PH A 21 -1.92 -2.07 2.97
C 4PH A 21 -2.28 2.68 1.24
C33 4PH A 21 -1.72 -3.42 2.72
O 4PH A 21 -1.58 2.01 0.50
N 4PH A 21 -2.11 4.40 2.97
HA 4PH A 21 -0.76 2.88 2.72
HB2 4PH A 21 -3.57 2.28 3.66
HB3 4PH A 21 -2.13 2.32 4.66
HD2 4PH A 21 -4.33 0.27 2.87
HD1 4PH A 21 -0.23 0.67 3.94
HE2 4PH A 21 -3.99 -2.12 2.47
HE1 4PH A 21 0.10 -1.72 3.55
H33 4PH A 21 -0.70 -3.57 2.38
H33A 4PH A 21 -1.90 -3.99 3.60
H33B 4PH A 21 -2.39 -3.73 1.93
H 4PH A 21 -2.77 4.60 3.68
N GLN A 22 -3.46 3.17 0.85
CA GLN A 22 -3.97 2.97 -0.50
C GLN A 22 -3.04 3.60 -1.53
N ALA A 23 -2.42 4.71 -1.16
CA ALA A 23 -1.46 5.38 -2.02
C ALA A 23 -0.21 4.51 -2.18
N ASP A 24 0.16 3.82 -1.11
CA ASP A 24 1.29 2.91 -1.12
C ASP A 24 0.97 1.70 -1.99
N LEU A 25 -0.27 1.23 -1.91
CA LEU A 25 -0.76 0.17 -2.80
C LEU A 25 -0.64 0.59 -4.25
N ALA A 26 -0.94 1.84 -4.52
CA ALA A 26 -0.82 2.37 -5.87
C ALA A 26 0.61 2.27 -6.35
N LYS A 27 1.55 2.50 -5.45
CA LYS A 27 2.97 2.38 -5.77
C LYS A 27 3.33 0.92 -6.04
CA 4PH A 28 2.98 -1.40 -5.42
CB 4PH A 28 2.43 -2.17 -4.21
CG 4PH A 28 2.44 -3.67 -4.37
CD2 4PH A 28 1.26 -4.39 -4.30
CD1 4PH A 28 3.63 -4.35 -4.56
CE2 4PH A 28 1.27 -5.76 -4.44
CE1 4PH A 28 3.65 -5.72 -4.70
CZ 4PH A 28 2.47 -6.43 -4.64
C 4PH A 28 2.34 -1.92 -6.72
C33 4PH A 28 2.47 -7.81 -4.79
O 4PH A 28 3.00 -2.57 -7.52
N 4PH A 28 2.73 0.03 -5.27
HA 4PH A 28 4.04 -1.55 -5.48
HB2 4PH A 28 1.40 -1.87 -4.05
HB3 4PH A 28 3.01 -1.93 -3.34
HD2 4PH A 28 0.33 -3.86 -4.14
HD1 4PH A 28 4.56 -3.80 -4.61
HE2 4PH A 28 0.34 -6.31 -4.39
HE1 4PH A 28 4.58 -6.24 -4.86
H33 4PH A 28 2.36 -8.05 -5.84
H33A 4PH A 28 3.40 -8.21 -4.41
H33B 4PH A 28 1.64 -8.22 -4.24
H 4PH A 28 2.11 0.34 -4.58
N GLN A 29 1.07 -1.59 -6.92
CA GLN A 29 0.33 -2.08 -8.07
C GLN A 29 0.94 -1.57 -9.37
N LYS A 30 1.35 -0.31 -9.37
CA LYS A 30 1.92 0.33 -10.55
C LYS A 30 3.26 -0.30 -10.92
N ASP A 31 4.06 -0.59 -9.91
CA ASP A 31 5.39 -1.14 -10.14
C ASP A 31 5.32 -2.65 -10.42
N LEU A 32 4.39 -3.33 -9.75
CA LEU A 32 4.20 -4.76 -9.94
C LEU A 32 3.79 -5.07 -11.38
N ALA A 33 2.92 -4.24 -11.92
CA ALA A 33 2.44 -4.40 -13.29
C ALA A 33 3.57 -4.24 -14.30
N ASP A 34 4.54 -3.40 -13.96
CA ASP A 34 5.68 -3.13 -14.84
C ASP A 34 6.78 -4.16 -14.63
CA 4PH A 35 7.90 -5.67 -13.07
CB 4PH A 35 8.10 -5.68 -11.56
CG 4PH A 35 9.25 -6.53 -11.09
CD2 4PH A 35 10.55 -6.10 -11.30
CD1 4PH A 35 9.04 -7.74 -10.45
CE2 4PH A 35 11.62 -6.86 -10.87
CE1 4PH A 35 10.10 -8.50 -10.01
CZ 4PH A 35 11.39 -8.07 -10.22
C 4PH A 35 7.53 -7.05 -13.58
C33 4PH A 35 12.46 -8.82 -9.77
O 4PH A 35 6.51 -7.63 -13.19
N 4PH A 35 6.87 -4.70 -13.42
HA 4PH A 35 8.81 -5.35 -13.55
HB2 4PH A 35 7.20 -6.06 -11.09
HB3 4PH A 35 8.26 -4.67 -11.22
HD2 4PH A 35 10.73 -5.17 -11.80
HD1 4PH A 35 8.02 -8.08 -10.29
HE2 4PH A 35 12.63 -6.52 -11.03
HE1 4PH A 35 9.91 -9.44 -9.51
H33 4PH A 35 12.15 -9.38 -8.91
H33A 4PH A 35 12.77 -9.50 -10.56
H33B 4PH A 35 13.27 -8.16 -9.52
H 4PH A 35 6.22 -4.44 -12.74
N NH2 A 36 8.37 -7.60 -14.45
HN1 NH2 A 36 9.16 -7.08 -14.71
HN2 NH2 A 36 8.17 -8.49 -14.79
C ACE A 1 13.75 -5.32 -7.14
O ACE A 1 14.42 -4.50 -6.48
CH3 ACE A 1 13.37 -5.03 -8.57
H1 ACE A 1 14.09 -4.34 -8.98
H2 ACE A 1 12.39 -4.58 -8.58
H3 ACE A 1 13.35 -5.96 -9.11
N PRO A 2 13.35 -6.48 -6.63
CA PRO A 2 11.93 -6.83 -6.48
C PRO A 2 11.17 -5.84 -5.61
N PRO A 3 10.01 -5.35 -6.10
CA PRO A 3 9.14 -4.45 -5.34
C PRO A 3 8.86 -4.94 -3.92
N THR A 4 8.77 -4.02 -2.97
CA THR A 4 8.47 -4.38 -1.60
C THR A 4 6.98 -4.29 -1.34
N LYS A 5 6.36 -5.41 -1.02
CA LYS A 5 4.93 -5.44 -0.78
C LYS A 5 4.61 -4.97 0.64
N PRO A 6 3.49 -4.25 0.80
CA PRO A 6 3.04 -3.75 2.09
C PRO A 6 2.21 -4.77 2.87
N THR A 7 2.02 -4.50 4.16
CA THR A 7 1.21 -5.36 5.01
C THR A 7 -0.08 -4.65 5.42
N LYS A 8 -1.17 -5.40 5.48
CA LYS A 8 -2.48 -4.86 5.82
C LYS A 8 -2.49 -4.25 7.22
N PRO A 9 -2.78 -2.94 7.32
CA PRO A 9 -2.87 -2.24 8.61
C PRO A 9 -4.00 -2.79 9.48
N GLY A 10 -3.70 -3.05 10.74
CA GLY A 10 -4.72 -3.49 11.67
C GLY A 10 -5.19 -2.38 12.56
N ASP A 11 -4.32 -1.96 13.48
CA ASP A 11 -4.66 -0.90 14.42
C ASP A 11 -4.40 0.47 13.80
N ASN A 12 -3.40 0.53 12.92
CA ASN A 12 -3.06 1.78 12.25
C ASN A 12 -3.90 1.97 11.00
N ALA A 13 -4.92 1.13 10.85
CA ALA A 13 -5.82 1.17 9.70
C ALA A 13 -6.82 2.32 9.82
N THR A 14 -6.46 3.33 10.59
CA THR A 14 -7.27 4.51 10.75
C THR A 14 -7.44 5.22 9.41
N PRO A 15 -8.69 5.65 9.10
CA PRO A 15 -9.07 6.20 7.79
C PRO A 15 -8.02 7.09 7.13
N GLU A 16 -7.39 7.96 7.89
CA GLU A 16 -6.44 8.93 7.33
C GLU A 16 -5.19 8.23 6.81
N LYS A 17 -4.65 7.32 7.61
CA LYS A 17 -3.44 6.60 7.24
C LYS A 17 -3.77 5.43 6.33
N LEU A 18 -4.99 4.93 6.44
CA LEU A 18 -5.47 3.87 5.57
C LEU A 18 -5.53 4.39 4.14
N ALA A 19 -5.85 5.66 4.00
CA ALA A 19 -5.91 6.33 2.71
C ALA A 19 -4.50 6.49 2.14
N LYS A 20 -3.56 6.85 3.01
CA LYS A 20 -2.15 6.96 2.61
C LYS A 20 -1.62 5.58 2.23
CA 4PH A 21 -1.76 3.18 2.63
CB 4PH A 21 -2.41 2.24 3.66
CG 4PH A 21 -2.19 0.78 3.39
CD2 4PH A 21 -3.21 -0.01 2.90
CD1 4PH A 21 -0.94 0.21 3.60
CE2 4PH A 21 -3.01 -1.35 2.63
CE1 4PH A 21 -0.73 -1.13 3.34
CZ 4PH A 21 -1.76 -1.90 2.85
C 4PH A 21 -2.21 2.82 1.21
C33 4PH A 21 -1.54 -3.24 2.54
O 4PH A 21 -1.44 2.24 0.45
N 4PH A 21 -2.11 4.55 2.93
HA 4PH A 21 -0.69 3.09 2.69
HB2 4PH A 21 -3.48 2.42 3.66
HB3 4PH A 21 -2.02 2.46 4.64
HD2 4PH A 21 -4.19 0.43 2.73
HD1 4PH A 21 -0.14 0.81 3.98
HE2 4PH A 21 -3.81 -1.96 2.25
HE1 4PH A 21 0.23 -1.56 3.52
H33 4PH A 21 -0.50 -3.37 2.27
H33A 4PH A 21 -1.77 -3.85 3.38
H33B 4PH A 21 -2.16 -3.51 1.70
H 4PH A 21 -2.71 4.74 3.68
N GLN A 22 -3.43 3.20 0.86
CA GLN A 22 -3.95 2.96 -0.48
C GLN A 22 -3.10 3.65 -1.53
N ALA A 23 -2.54 4.80 -1.17
CA ALA A 23 -1.64 5.53 -2.06
C ALA A 23 -0.38 4.72 -2.31
N ASP A 24 0.17 4.15 -1.24
CA ASP A 24 1.37 3.33 -1.33
C ASP A 24 1.10 2.10 -2.19
N LEU A 25 -0.10 1.55 -2.03
CA LEU A 25 -0.54 0.41 -2.84
C LEU A 25 -0.62 0.78 -4.30
N ALA A 26 -1.06 1.99 -4.59
CA ALA A 26 -1.16 2.48 -5.96
C ALA A 26 0.19 2.42 -6.65
N LYS A 27 1.23 2.80 -5.92
CA LYS A 27 2.59 2.73 -6.42
C LYS A 27 3.03 1.28 -6.59
CA 4PH A 28 3.17 -0.94 -5.57
CB 4PH A 28 2.88 -1.59 -4.20
CG 4PH A 28 3.00 -3.09 -4.20
CD2 4PH A 28 1.89 -3.89 -3.99
CD1 4PH A 28 4.23 -3.71 -4.43
CE2 4PH A 28 2.00 -5.26 -4.00
CE1 4PH A 28 4.33 -5.08 -4.44
CZ 4PH A 28 3.22 -5.85 -4.23
C 4PH A 28 2.47 -1.72 -6.68
C33 4PH A 28 3.31 -7.25 -4.27
O 4PH A 28 3.13 -2.43 -7.44
N 4PH A 28 2.76 0.47 -5.56
HA 4PH A 28 4.23 -0.96 -5.74
HB2 4PH A 28 1.87 -1.33 -3.90
HB3 4PH A 28 3.57 -1.19 -3.46
HD2 4PH A 28 0.93 -3.42 -3.80
HD1 4PH A 28 5.11 -3.09 -4.61
HE2 4PH A 28 1.11 -5.87 -3.83
HE1 4PH A 28 5.29 -5.55 -4.62
H33 4PH A 28 3.14 -7.59 -5.28
H33A 4PH A 28 4.29 -7.55 -3.94
H33B 4PH A 28 2.56 -7.67 -3.62
H 4PH A 28 2.27 0.82 -4.79
N GLN A 29 1.16 -1.56 -6.78
CA GLN A 29 0.37 -2.31 -7.77
C GLN A 29 0.78 -1.96 -9.18
N LYS A 30 1.27 -0.74 -9.37
CA LYS A 30 1.76 -0.31 -10.67
C LYS A 30 3.17 -0.85 -10.91
N ASP A 31 4.04 -0.71 -9.91
CA ASP A 31 5.43 -1.14 -10.04
C ASP A 31 5.52 -2.66 -10.15
N LEU A 32 4.62 -3.35 -9.46
CA LEU A 32 4.55 -4.81 -9.50
C LEU A 32 4.12 -5.25 -10.90
N ALA A 33 3.15 -4.55 -11.47
CA ALA A 33 2.67 -4.83 -12.81
C ALA A 33 3.78 -4.61 -13.83
N ASP A 34 4.58 -3.57 -13.60
CA ASP A 34 5.73 -3.28 -14.44
C ASP A 34 6.79 -4.37 -14.31
CA 4PH A 35 8.03 -5.82 -12.80
CB 4PH A 35 8.21 -6.00 -11.28
CG 4PH A 35 9.23 -7.03 -10.89
CD2 4PH A 35 10.57 -6.80 -11.12
CD1 4PH A 35 8.85 -8.21 -10.29
CE2 4PH A 35 11.52 -7.75 -10.77
CE1 4PH A 35 9.79 -9.15 -9.93
CZ 4PH A 35 11.12 -8.92 -10.17
C 4PH A 35 7.62 -7.14 -13.43
C33 4PH A 35 12.07 -9.87 -9.80
O 4PH A 35 8.46 -7.88 -13.97
N 4PH A 35 7.05 -4.79 -13.07
HA 4PH A 35 8.97 -5.51 -13.22
HB2 4PH A 35 7.26 -6.28 -10.85
HB3 4PH A 35 8.52 -5.05 -10.85
HD2 4PH A 35 10.89 -5.88 -11.59
HD1 4PH A 35 7.80 -8.39 -10.10
HE2 4PH A 35 12.57 -7.56 -10.95
HE1 4PH A 35 9.46 -10.07 -9.46
H33 4PH A 35 12.22 -10.55 -10.63
H33A 4PH A 35 12.99 -9.38 -9.55
H33B 4PH A 35 11.70 -10.42 -8.95
H 4PH A 35 6.58 -4.37 -12.32
N NH2 A 36 6.34 -7.46 -13.37
HN1 NH2 A 36 5.74 -6.82 -12.92
HN2 NH2 A 36 6.05 -8.30 -13.77
C ACE A 1 13.13 -6.55 -7.60
O ACE A 1 13.95 -5.96 -6.89
CH3 ACE A 1 12.65 -5.94 -8.89
H1 ACE A 1 12.46 -4.89 -8.73
H2 ACE A 1 11.75 -6.44 -9.19
H3 ACE A 1 13.41 -6.10 -9.64
N PRO A 2 12.62 -7.74 -7.26
CA PRO A 2 11.20 -7.96 -6.98
C PRO A 2 10.69 -7.05 -5.87
N PRO A 3 9.68 -6.21 -6.15
CA PRO A 3 9.09 -5.32 -5.15
C PRO A 3 8.23 -6.09 -4.15
N THR A 4 8.24 -5.65 -2.90
CA THR A 4 7.46 -6.31 -1.85
C THR A 4 6.17 -5.55 -1.57
N LYS A 5 5.16 -6.27 -1.12
CA LYS A 5 3.90 -5.66 -0.75
C LYS A 5 3.84 -5.45 0.76
N PRO A 6 3.25 -4.33 1.19
CA PRO A 6 3.08 -4.02 2.62
C PRO A 6 2.03 -4.93 3.28
N THR A 7 2.04 -4.97 4.60
CA THR A 7 1.07 -5.77 5.34
C THR A 7 -0.19 -4.96 5.62
N LYS A 8 -1.31 -5.66 5.78
CA LYS A 8 -2.59 -5.02 6.04
C LYS A 8 -2.59 -4.33 7.39
N PRO A 9 -2.81 -3.00 7.41
CA PRO A 9 -2.89 -2.22 8.65
C PRO A 9 -3.96 -2.74 9.59
N GLY A 10 -3.58 -2.97 10.84
CA GLY A 10 -4.52 -3.44 11.83
C GLY A 10 -5.01 -2.32 12.73
N ASP A 11 -4.14 -1.83 13.59
CA ASP A 11 -4.51 -0.75 14.51
C ASP A 11 -4.18 0.59 13.88
N ASN A 12 -3.30 0.57 12.89
CA ASN A 12 -2.89 1.78 12.18
C ASN A 12 -3.80 2.03 10.98
N ALA A 13 -4.88 1.24 10.89
CA ALA A 13 -5.80 1.31 9.76
C ALA A 13 -6.79 2.47 9.88
N THR A 14 -6.41 3.49 10.63
CA THR A 14 -7.22 4.69 10.77
C THR A 14 -7.49 5.32 9.41
N PRO A 15 -8.75 5.72 9.15
CA PRO A 15 -9.21 6.20 7.83
C PRO A 15 -8.21 7.06 7.07
N GLU A 16 -7.65 8.07 7.73
CA GLU A 16 -6.76 9.02 7.07
C GLU A 16 -5.45 8.36 6.67
N LYS A 17 -4.98 7.47 7.51
CA LYS A 17 -3.71 6.77 7.28
C LYS A 17 -3.94 5.59 6.34
N LEU A 18 -5.15 5.03 6.38
CA LEU A 18 -5.53 3.94 5.52
C LEU A 18 -5.58 4.40 4.07
N ALA A 19 -6.01 5.64 3.89
CA ALA A 19 -6.04 6.26 2.59
C ALA A 19 -4.63 6.44 2.04
N LYS A 20 -3.71 6.80 2.93
CA LYS A 20 -2.31 6.95 2.57
C LYS A 20 -1.69 5.58 2.28
CA 4PH A 21 -1.78 3.19 2.71
CB 4PH A 21 -2.42 2.26 3.75
CG 4PH A 21 -2.22 0.79 3.48
CD2 4PH A 21 -3.27 0.00 3.06
CD1 4PH A 21 -0.97 0.21 3.64
CE2 4PH A 21 -3.10 -1.34 2.80
CE1 4PH A 21 -0.78 -1.14 3.39
CZ 4PH A 21 -1.85 -1.90 2.96
C 4PH A 21 -2.18 2.79 1.29
C33 4PH A 21 -1.66 -3.25 2.68
O 4PH A 21 -1.40 2.18 0.58
N 4PH A 21 -2.18 4.57 2.98
HA 4PH A 21 -0.71 3.14 2.80
HB2 4PH A 21 -3.48 2.44 3.78
HB3 4PH A 21 -2.00 2.47 4.72
HD2 4PH A 21 -4.24 0.45 2.93
HD1 4PH A 21 -0.14 0.80 3.97
HE2 4PH A 21 -3.93 -1.95 2.47
HE1 4PH A 21 0.19 -1.59 3.52
H33 4PH A 21 -2.35 -3.56 1.91
H33A 4PH A 21 -0.65 -3.42 2.35
H33B 4PH A 21 -1.85 -3.84 3.56
H 4PH A 21 -2.82 4.75 3.70
N GLN A 22 -3.40 3.17 0.90
CA GLN A 22 -3.88 2.90 -0.45
C GLN A 22 -2.97 3.54 -1.50
N ALA A 23 -2.38 4.68 -1.15
CA ALA A 23 -1.46 5.38 -2.03
C ALA A 23 -0.19 4.57 -2.24
N ASP A 24 0.32 3.96 -1.17
CA ASP A 24 1.51 3.13 -1.24
C ASP A 24 1.22 1.87 -2.05
N LEU A 25 -0.03 1.40 -1.97
CA LEU A 25 -0.47 0.26 -2.76
C LEU A 25 -0.53 0.59 -4.24
N ALA A 26 -0.85 1.83 -4.55
CA ALA A 26 -0.85 2.29 -5.93
C ALA A 26 0.56 2.24 -6.49
N LYS A 27 1.53 2.62 -5.66
CA LYS A 27 2.93 2.55 -6.03
C LYS A 27 3.33 1.10 -6.26
CA 4PH A 28 3.18 -1.20 -5.45
CB 4PH A 28 2.74 -1.92 -4.17
CG 4PH A 28 2.73 -3.42 -4.29
CD2 4PH A 28 1.53 -4.12 -4.22
CD1 4PH A 28 3.90 -4.13 -4.47
CE2 4PH A 28 1.51 -5.50 -4.33
CE1 4PH A 28 3.89 -5.51 -4.58
CZ 4PH A 28 2.69 -6.19 -4.52
C 4PH A 28 2.54 -1.84 -6.68
C33 4PH A 28 2.67 -7.57 -4.65
O 4PH A 28 3.22 -2.47 -7.48
N 4PH A 28 2.86 0.23 -5.38
HA 4PH A 28 4.24 -1.29 -5.55
HB2 4PH A 28 1.73 -1.61 -3.92
HB3 4PH A 28 3.40 -1.65 -3.36
HD2 4PH A 28 0.61 -3.58 -4.07
HD1 4PH A 28 4.83 -3.60 -4.52
HE2 4PH A 28 0.58 -6.03 -4.28
HE1 4PH A 28 4.81 -6.05 -4.73
H33 4PH A 28 3.59 -7.98 -4.27
H33A 4PH A 28 1.83 -7.97 -4.11
H33B 4PH A 28 2.58 -7.82 -5.71
H 4PH A 28 2.29 0.55 -4.64
N GLN A 29 1.22 -1.66 -6.83
CA GLN A 29 0.48 -2.30 -7.91
C GLN A 29 1.02 -1.88 -9.28
N LYS A 30 1.37 -0.62 -9.42
CA LYS A 30 1.86 -0.11 -10.69
C LYS A 30 3.26 -0.66 -10.99
N ASP A 31 4.12 -0.67 -9.98
CA ASP A 31 5.49 -1.16 -10.16
C ASP A 31 5.48 -2.67 -10.35
N LEU A 32 4.52 -3.33 -9.72
CA LEU A 32 4.33 -4.76 -9.88
C LEU A 32 3.83 -5.06 -11.29
N ALA A 33 2.91 -4.22 -11.76
CA ALA A 33 2.34 -4.35 -13.10
C ALA A 33 3.42 -4.24 -14.17
N ASP A 34 4.36 -3.32 -13.96
CA ASP A 34 5.48 -3.16 -14.88
C ASP A 34 6.43 -4.34 -14.80
CA 4PH A 35 7.42 -6.07 -13.39
CB 4PH A 35 7.57 -6.35 -11.89
CG 4PH A 35 8.49 -7.48 -11.56
CD2 4PH A 35 8.01 -8.69 -11.06
CD1 4PH A 35 9.86 -7.36 -11.75
CE2 4PH A 35 8.86 -9.73 -10.76
CE1 4PH A 35 10.72 -8.39 -11.45
CZ 4PH A 35 10.21 -9.58 -10.95
C 4PH A 35 6.85 -7.30 -14.10
C33 4PH A 35 11.08 -10.62 -10.66
O 4PH A 35 5.75 -7.75 -13.77
N 4PH A 35 6.56 -4.92 -13.60
HA 4PH A 35 8.39 -5.84 -13.80
HB2 4PH A 35 6.59 -6.59 -11.47
HB3 4PH A 35 7.95 -5.47 -11.40
HD2 4PH A 35 6.94 -8.80 -10.91
HD1 4PH A 35 10.25 -6.43 -12.14
HE2 4PH A 35 8.47 -10.65 -10.37
HE1 4PH A 35 11.78 -8.27 -11.60
H33 4PH A 35 11.21 -11.25 -11.53
H33A 4PH A 35 12.04 -10.22 -10.36
H33B 4PH A 35 10.66 -11.21 -9.85
H 4PH A 35 6.07 -4.55 -12.85
N NH2 A 36 7.58 -7.81 -15.06
HN1 NH2 A 36 8.44 -7.40 -15.27
HN2 NH2 A 36 7.24 -8.60 -15.53
C ACE A 1 12.47 -3.15 -7.92
O ACE A 1 12.82 -3.53 -9.04
CH3 ACE A 1 11.60 -1.93 -7.75
H1 ACE A 1 10.60 -2.18 -8.11
H2 ACE A 1 12.00 -1.13 -8.33
H3 ACE A 1 11.59 -1.66 -6.71
N PRO A 2 12.85 -3.80 -6.81
CA PRO A 2 11.96 -4.69 -6.04
C PRO A 2 10.81 -3.94 -5.38
N PRO A 3 9.59 -4.11 -5.90
CA PRO A 3 8.39 -3.48 -5.34
C PRO A 3 8.00 -4.13 -4.02
N THR A 4 8.09 -3.37 -2.95
CA THR A 4 7.79 -3.85 -1.62
C THR A 4 6.28 -3.98 -1.42
N LYS A 5 5.83 -5.17 -1.07
CA LYS A 5 4.41 -5.39 -0.82
C LYS A 5 4.02 -4.77 0.52
N PRO A 6 2.88 -4.09 0.56
CA PRO A 6 2.36 -3.48 1.78
C PRO A 6 1.63 -4.50 2.65
N THR A 7 1.61 -4.26 3.96
CA THR A 7 0.98 -5.18 4.88
C THR A 7 -0.32 -4.59 5.42
N LYS A 8 -1.30 -5.46 5.66
CA LYS A 8 -2.61 -5.05 6.15
C LYS A 8 -2.52 -4.32 7.48
N PRO A 9 -2.93 -3.04 7.52
CA PRO A 9 -3.00 -2.27 8.75
C PRO A 9 -4.07 -2.80 9.69
N GLY A 10 -3.71 -2.97 10.96
CA GLY A 10 -4.66 -3.44 11.94
C GLY A 10 -5.20 -2.30 12.79
N ASP A 11 -4.35 -1.78 13.66
CA ASP A 11 -4.73 -0.66 14.51
C ASP A 11 -4.39 0.64 13.82
N ASN A 12 -3.38 0.58 12.96
CA ASN A 12 -2.94 1.73 12.17
C ASN A 12 -3.83 1.92 10.95
N ALA A 13 -4.93 1.18 10.90
CA ALA A 13 -5.87 1.25 9.80
C ALA A 13 -6.79 2.46 9.91
N THR A 14 -6.31 3.48 10.61
CA THR A 14 -7.05 4.73 10.76
C THR A 14 -7.22 5.40 9.41
N PRO A 15 -8.45 5.85 9.08
CA PRO A 15 -8.80 6.43 7.77
C PRO A 15 -7.74 7.39 7.23
N GLU A 16 -7.17 8.18 8.12
CA GLU A 16 -6.18 9.19 7.75
C GLU A 16 -4.95 8.56 7.10
N LYS A 17 -4.39 7.54 7.76
CA LYS A 17 -3.19 6.90 7.25
C LYS A 17 -3.54 5.73 6.32
N LEU A 18 -4.78 5.27 6.43
CA LEU A 18 -5.27 4.19 5.57
C LEU A 18 -5.33 4.68 4.12
N ALA A 19 -5.56 5.98 3.97
CA ALA A 19 -5.55 6.61 2.66
C ALA A 19 -4.17 6.50 2.03
N LYS A 20 -3.14 6.75 2.84
CA LYS A 20 -1.77 6.57 2.40
C LYS A 20 -1.51 5.13 2.01
CA 4PH A 21 -1.96 2.79 2.49
CB 4PH A 21 -2.62 1.96 3.59
CG 4PH A 21 -2.54 0.48 3.35
CD2 4PH A 21 -3.64 -0.23 2.92
CD1 4PH A 21 -1.34 -0.20 3.55
CE2 4PH A 21 -3.57 -1.59 2.68
CE1 4PH A 21 -1.27 -1.56 3.31
CZ 4PH A 21 -2.37 -2.24 2.88
C 4PH A 21 -2.58 2.48 1.12
C33 4PH A 21 -2.27 -3.61 2.59
O 4PH A 21 -1.98 1.76 0.32
N 4PH A 21 -2.08 4.20 2.78
HA 4PH A 21 -0.92 2.55 2.45
HB2 4PH A 21 -3.66 2.23 3.67
HB3 4PH A 21 -2.13 2.17 4.53
HD2 4PH A 21 -4.58 0.29 2.77
HD1 4PH A 21 -0.48 0.34 3.89
HE2 4PH A 21 -4.44 -2.13 2.34
HE1 4PH A 21 -0.33 -2.07 3.49
H33 4PH A 21 -2.97 -3.86 1.81
H33A 4PH A 21 -1.27 -3.83 2.28
H33B 4PH A 21 -2.52 -4.17 3.48
H 4PH A 21 -2.58 4.50 3.57
N GLN A 22 -3.76 3.03 0.85
CA GLN A 22 -4.41 2.85 -0.44
C GLN A 22 -3.54 3.40 -1.56
N ALA A 23 -2.85 4.49 -1.28
CA ALA A 23 -1.93 5.09 -2.23
C ALA A 23 -0.73 4.17 -2.47
N ASP A 24 -0.24 3.57 -1.39
CA ASP A 24 0.88 2.64 -1.46
C ASP A 24 0.51 1.43 -2.31
N LEU A 25 -0.74 0.99 -2.22
CA LEU A 25 -1.24 -0.09 -3.08
C LEU A 25 -1.21 0.32 -4.54
N ALA A 26 -1.60 1.55 -4.82
CA ALA A 26 -1.58 2.07 -6.17
C ALA A 26 -0.15 2.13 -6.70
N LYS A 27 0.77 2.50 -5.83
CA LYS A 27 2.18 2.53 -6.16
C LYS A 27 2.70 1.11 -6.35
CA 4PH A 28 2.69 -1.18 -5.52
CB 4PH A 28 2.15 -1.94 -4.30
CG 4PH A 28 2.39 -3.43 -4.34
CD2 4PH A 28 1.30 -4.30 -4.31
CD1 4PH A 28 3.66 -3.95 -4.40
CE2 4PH A 28 1.51 -5.67 -4.35
CE1 4PH A 28 3.87 -5.31 -4.43
CZ 4PH A 28 2.79 -6.17 -4.41
C 4PH A 28 2.21 -1.85 -6.80
C33 4PH A 28 2.98 -7.54 -4.45
O 4PH A 28 2.99 -2.49 -7.50
N 4PH A 28 2.27 0.21 -5.47
HA 4PH A 28 3.77 -1.20 -5.50
HB2 4PH A 28 1.09 -1.78 -4.22
HB3 4PH A 28 2.63 -1.56 -3.41
HD2 4PH A 28 0.31 -3.90 -4.27
HD1 4PH A 28 4.51 -3.28 -4.41
HE2 4PH A 28 0.66 -6.34 -4.34
HE1 4PH A 28 4.87 -5.71 -4.46
H33 4PH A 28 2.18 -8.04 -3.94
H33A 4PH A 28 3.03 -7.88 -5.48
H33B 4PH A 28 3.93 -7.78 -3.96
H 4PH A 28 1.65 0.51 -4.77
N GLN A 29 0.93 -1.70 -7.11
CA GLN A 29 0.35 -2.33 -8.29
C GLN A 29 1.03 -1.83 -9.56
N LYS A 30 1.29 -0.52 -9.60
CA LYS A 30 1.96 0.10 -10.74
C LYS A 30 3.41 -0.36 -10.84
N ASP A 31 4.09 -0.43 -9.70
CA ASP A 31 5.51 -0.78 -9.68
C ASP A 31 5.71 -2.27 -9.87
N LEU A 32 4.78 -3.07 -9.36
CA LEU A 32 4.81 -4.52 -9.51
C LEU A 32 4.70 -4.88 -10.99
N ALA A 33 3.79 -4.20 -11.67
CA ALA A 33 3.59 -4.40 -13.09
C ALA A 33 4.81 -3.97 -13.90
N ASP A 34 5.50 -2.95 -13.39
CA ASP A 34 6.72 -2.44 -14.02
C ASP A 34 7.89 -3.39 -13.79
CA 4PH A 35 8.87 -5.08 -12.32
CB 4PH A 35 8.63 -5.58 -10.89
CG 4PH A 35 9.67 -6.52 -10.35
CD2 4PH A 35 9.33 -7.80 -9.98
CD1 4PH A 35 10.99 -6.11 -10.20
CE2 4PH A 35 10.28 -8.68 -9.47
CE1 4PH A 35 11.94 -6.96 -9.69
CZ 4PH A 35 11.59 -8.25 -9.32
C 4PH A 35 8.92 -6.26 -13.30
C33 4PH A 35 12.54 -9.11 -8.81
O 4PH A 35 9.97 -6.86 -13.54
N 4PH A 35 7.82 -4.14 -12.69
HA 4PH A 35 9.81 -4.56 -12.37
HB2 4PH A 35 7.67 -6.08 -10.86
HB3 4PH A 35 8.60 -4.73 -10.23
HD2 4PH A 35 8.31 -8.15 -10.09
HD1 4PH A 35 11.26 -5.11 -10.49
HE2 4PH A 35 10.00 -9.68 -9.19
HE1 4PH A 35 12.96 -6.63 -9.58
H33 4PH A 35 12.29 -10.13 -9.06
H33A 4PH A 35 13.51 -8.86 -9.22
H33B 4PH A 35 12.57 -9.00 -7.73
H 4PH A 35 7.05 -4.05 -12.11
N NH2 A 36 7.77 -6.60 -13.87
HN1 NH2 A 36 6.97 -6.07 -13.64
HN2 NH2 A 36 7.76 -7.34 -14.50
C ACE A 1 13.06 -3.47 -6.66
O ACE A 1 13.30 -2.49 -5.97
CH3 ACE A 1 12.78 -3.34 -8.12
H1 ACE A 1 13.01 -4.29 -8.61
H2 ACE A 1 13.40 -2.57 -8.54
H3 ACE A 1 11.74 -3.09 -8.27
N PRO A 2 13.02 -4.71 -6.14
CA PRO A 2 11.78 -5.50 -6.06
C PRO A 2 10.70 -4.78 -5.26
N PRO A 3 9.56 -4.47 -5.90
CA PRO A 3 8.43 -3.82 -5.22
C PRO A 3 7.89 -4.68 -4.08
N THR A 4 7.94 -4.16 -2.87
CA THR A 4 7.50 -4.91 -1.71
C THR A 4 6.06 -4.57 -1.35
N LYS A 5 5.33 -5.57 -0.90
CA LYS A 5 3.95 -5.37 -0.51
C LYS A 5 3.88 -4.80 0.91
N PRO A 6 2.99 -3.84 1.16
CA PRO A 6 2.75 -3.34 2.50
C PRO A 6 1.86 -4.31 3.28
N THR A 7 1.99 -4.30 4.60
CA THR A 7 1.20 -5.21 5.42
C THR A 7 -0.19 -4.65 5.65
N LYS A 8 -1.12 -5.54 5.94
CA LYS A 8 -2.51 -5.15 6.16
C LYS A 8 -2.66 -4.29 7.40
N PRO A 9 -3.21 -3.08 7.25
CA PRO A 9 -3.41 -2.17 8.39
C PRO A 9 -4.39 -2.74 9.41
N GLY A 10 -3.86 -3.08 10.56
CA GLY A 10 -4.69 -3.44 11.69
C GLY A 10 -4.79 -2.28 12.66
N ASP A 11 -3.64 -1.87 13.17
CA ASP A 11 -3.55 -0.76 14.10
C ASP A 11 -3.58 0.57 13.35
N ASN A 12 -2.81 0.63 12.26
CA ASN A 12 -2.67 1.87 11.49
C ASN A 12 -3.82 2.03 10.49
N ALA A 13 -4.83 1.18 10.62
CA ALA A 13 -5.98 1.18 9.71
C ALA A 13 -6.86 2.41 9.88
N THR A 14 -6.41 3.36 10.69
CA THR A 14 -7.12 4.61 10.90
C THR A 14 -7.43 5.30 9.57
N PRO A 15 -8.64 5.86 9.44
CA PRO A 15 -9.13 6.48 8.18
C PRO A 15 -8.09 7.36 7.48
N GLU A 16 -7.37 8.16 8.25
CA GLU A 16 -6.39 9.08 7.69
C GLU A 16 -5.21 8.32 7.06
N LYS A 17 -4.67 7.37 7.80
CA LYS A 17 -3.49 6.63 7.37
C LYS A 17 -3.88 5.49 6.42
N LEU A 18 -5.16 5.16 6.41
CA LEU A 18 -5.68 4.15 5.50
C LEU A 18 -5.59 4.65 4.06
N ALA A 19 -5.80 5.94 3.89
CA ALA A 19 -5.67 6.57 2.58
C ALA A 19 -4.22 6.57 2.14
N LYS A 20 -3.34 6.80 3.11
CA LYS A 20 -1.90 6.74 2.89
C LYS A 20 -1.48 5.33 2.47
CA 4PH A 21 -1.92 2.94 2.72
CB 4PH A 21 -2.68 2.04 3.70
CG 4PH A 21 -2.61 0.57 3.37
CD2 4PH A 21 -3.73 -0.09 2.88
CD1 4PH A 21 -1.44 -0.15 3.55
CE2 4PH A 21 -3.68 -1.44 2.57
CE1 4PH A 21 -1.38 -1.50 3.25
CZ 4PH A 21 -2.51 -2.14 2.76
C 4PH A 21 -2.36 2.69 1.28
C33 4PH A 21 -2.45 -3.49 2.45
O 4PH A 21 -1.62 2.14 0.48
N 4PH A 21 -2.13 4.34 3.08
HA 4PH A 21 -0.86 2.74 2.80
HB2 4PH A 21 -3.71 2.33 3.71
HB3 4PH A 21 -2.26 2.16 4.69
HD2 4PH A 21 -4.64 0.46 2.73
HD1 4PH A 21 -0.57 0.35 3.93
HE2 4PH A 21 -4.56 -1.94 2.19
HE1 4PH A 21 -0.47 -2.05 3.40
H33 4PH A 21 -2.13 -3.61 1.42
H33A 4PH A 21 -1.75 -3.98 3.10
H33B 4PH A 21 -3.43 -3.92 2.57
H 4PH A 21 -2.76 4.56 3.81
N GLN A 22 -3.57 3.15 0.95
CA GLN A 22 -4.10 2.98 -0.40
C GLN A 22 -3.19 3.62 -1.45
N ALA A 23 -2.57 4.73 -1.07
CA ALA A 23 -1.64 5.43 -1.95
C ALA A 23 -0.44 4.56 -2.28
N ASP A 24 0.07 3.86 -1.28
CA ASP A 24 1.21 2.96 -1.48
C ASP A 24 0.80 1.79 -2.35
N LEU A 25 -0.42 1.31 -2.16
CA LEU A 25 -0.95 0.22 -2.97
C LEU A 25 -1.02 0.62 -4.44
N ALA A 26 -1.32 1.89 -4.70
CA ALA A 26 -1.37 2.39 -6.06
C ALA A 26 0.01 2.31 -6.71
N LYS A 27 1.03 2.67 -5.95
CA LYS A 27 2.40 2.60 -6.43
C LYS A 27 2.86 1.15 -6.54
CA 4PH A 28 2.91 -1.05 -5.51
CB 4PH A 28 2.49 -1.70 -4.17
CG 4PH A 28 2.59 -3.20 -4.17
CD2 4PH A 28 1.44 -3.97 -4.01
CD1 4PH A 28 3.80 -3.84 -4.32
CE2 4PH A 28 1.51 -5.35 -4.01
CE1 4PH A 28 3.87 -5.23 -4.32
CZ 4PH A 28 2.72 -5.98 -4.16
C 4PH A 28 2.31 -1.80 -6.68
C33 4PH A 28 2.80 -7.36 -4.19
O 4PH A 28 3.02 -2.49 -7.41
N 4PH A 28 2.53 0.36 -5.53
HA 4PH A 28 3.99 -1.10 -5.58
HB2 4PH A 28 1.48 -1.42 -3.96
HB3 4PH A 28 3.13 -1.33 -3.38
HD2 4PH A 28 0.49 -3.48 -3.89
HD1 4PH A 28 4.70 -3.27 -4.45
HE2 4PH A 28 0.61 -5.93 -3.88
HE1 4PH A 28 4.83 -5.72 -4.45
H33 4PH A 28 2.00 -7.76 -3.58
H33A 4PH A 28 2.70 -7.71 -5.20
H33B 4PH A 28 3.74 -7.67 -3.79
H 4PH A 28 2.03 0.73 -4.78
N GLN A 29 1.00 -1.67 -6.88
CA GLN A 29 0.31 -2.41 -7.94
C GLN A 29 0.85 -2.04 -9.32
N LYS A 30 1.23 -0.80 -9.50
CA LYS A 30 1.70 -0.34 -10.79
C LYS A 30 3.16 -0.73 -11.02
N ASP A 31 3.99 -0.58 -9.99
CA ASP A 31 5.42 -0.88 -10.13
C ASP A 31 5.64 -2.40 -10.15
N LEU A 32 4.76 -3.14 -9.49
CA LEU A 32 4.80 -4.60 -9.51
C LEU A 32 4.59 -5.10 -10.93
N ALA A 33 3.64 -4.47 -11.63
CA ALA A 33 3.34 -4.82 -13.01
C ALA A 33 4.55 -4.60 -13.90
N ASP A 34 5.36 -3.61 -13.55
CA ASP A 34 6.58 -3.31 -14.31
C ASP A 34 7.67 -4.32 -14.01
CA 4PH A 35 8.60 -5.88 -12.39
CB 4PH A 35 8.62 -5.98 -10.86
CG 4PH A 35 9.64 -6.94 -10.30
CD2 4PH A 35 9.25 -8.08 -9.62
CD1 4PH A 35 11.00 -6.69 -10.45
CE2 4PH A 35 10.17 -8.96 -9.10
CE1 4PH A 35 11.93 -7.56 -9.92
CZ 4PH A 35 11.52 -8.69 -9.25
C 4PH A 35 8.29 -7.25 -13.00
C33 4PH A 35 12.46 -9.56 -8.72
O 4PH A 35 7.36 -7.94 -12.58
N 4PH A 35 7.62 -4.90 -12.82
HA 4PH A 35 9.56 -5.57 -12.73
HB2 4PH A 35 7.65 -6.30 -10.53
HB3 4PH A 35 8.82 -5.01 -10.46
HD2 4PH A 35 8.19 -8.29 -9.50
HD1 4PH A 35 11.31 -5.80 -10.98
HE2 4PH A 35 9.85 -9.84 -8.57
HE1 4PH A 35 12.99 -7.34 -10.04
H33 4PH A 35 13.35 -9.01 -8.45
H33A 4PH A 35 12.06 -10.05 -7.85
H33B 4PH A 35 12.72 -10.29 -9.47
H 4PH A 35 6.90 -4.66 -12.21
N NH2 A 36 9.08 -7.64 -13.99
HN1 NH2 A 36 9.80 -7.05 -14.28
HN2 NH2 A 36 8.89 -8.51 -14.40
C ACE A 1 12.87 -7.54 -6.41
O ACE A 1 13.51 -6.98 -5.53
CH3 ACE A 1 12.75 -6.92 -7.78
H1 ACE A 1 12.97 -5.87 -7.70
H2 ACE A 1 11.75 -7.07 -8.14
H3 ACE A 1 13.45 -7.41 -8.45
N PRO A 2 12.27 -8.72 -6.22
CA PRO A 2 10.81 -8.87 -6.26
C PRO A 2 10.12 -7.94 -5.26
N PRO A 3 9.24 -7.05 -5.76
CA PRO A 3 8.53 -6.11 -4.90
C PRO A 3 7.46 -6.80 -4.05
N THR A 4 7.73 -6.89 -2.76
CA THR A 4 6.80 -7.52 -1.84
C THR A 4 5.71 -6.55 -1.40
N LYS A 5 4.51 -7.05 -1.26
CA LYS A 5 3.37 -6.22 -0.88
C LYS A 5 3.52 -5.72 0.56
N PRO A 6 3.06 -4.49 0.82
CA PRO A 6 3.07 -3.93 2.18
C PRO A 6 2.16 -4.71 3.13
N THR A 7 2.39 -4.54 4.42
CA THR A 7 1.63 -5.25 5.44
C THR A 7 0.28 -4.57 5.69
N LYS A 8 -0.75 -5.38 5.89
CA LYS A 8 -2.11 -4.89 6.11
C LYS A 8 -2.22 -4.21 7.47
N PRO A 9 -2.58 -2.92 7.50
CA PRO A 9 -2.79 -2.17 8.74
C PRO A 9 -3.87 -2.80 9.61
N GLY A 10 -3.58 -2.93 10.90
CA GLY A 10 -4.54 -3.50 11.82
C GLY A 10 -5.28 -2.44 12.61
N ASP A 11 -4.58 -1.80 13.52
CA ASP A 11 -5.16 -0.71 14.31
C ASP A 11 -4.70 0.63 13.76
N ASN A 12 -3.66 0.59 12.96
CA ASN A 12 -3.18 1.78 12.24
C ASN A 12 -4.01 1.99 10.97
N ALA A 13 -5.08 1.21 10.85
CA ALA A 13 -5.94 1.25 9.68
C ALA A 13 -6.96 2.38 9.77
N THR A 14 -6.63 3.42 10.53
CA THR A 14 -7.48 4.60 10.65
C THR A 14 -7.66 5.25 9.28
N PRO A 15 -8.91 5.63 8.95
CA PRO A 15 -9.29 6.17 7.62
C PRO A 15 -8.23 7.07 6.99
N GLU A 16 -7.66 7.98 7.77
CA GLU A 16 -6.67 8.92 7.25
C GLU A 16 -5.39 8.20 6.81
N LYS A 17 -4.89 7.31 7.65
CA LYS A 17 -3.65 6.60 7.37
C LYS A 17 -3.89 5.46 6.39
N LEU A 18 -5.12 4.94 6.41
CA LEU A 18 -5.49 3.88 5.49
C LEU A 18 -5.48 4.40 4.06
N ALA A 19 -5.82 5.67 3.91
CA ALA A 19 -5.78 6.34 2.63
C ALA A 19 -4.33 6.50 2.17
N LYS A 20 -3.48 6.92 3.10
CA LYS A 20 -2.04 7.00 2.87
C LYS A 20 -1.50 5.63 2.47
CA 4PH A 21 -1.67 3.23 2.79
CB 4PH A 21 -2.34 2.27 3.79
CG 4PH A 21 -2.05 0.82 3.52
CD2 4PH A 21 -3.05 -0.02 3.07
CD1 4PH A 21 -0.79 0.30 3.72
CE2 4PH A 21 -2.79 -1.36 2.82
CE1 4PH A 21 -0.53 -1.03 3.48
CZ 4PH A 21 -1.53 -1.86 3.02
C 4PH A 21 -2.04 2.89 1.35
C33 4PH A 21 -1.25 -3.18 2.75
O 4PH A 21 -1.24 2.33 0.61
N 4PH A 21 -2.04 4.60 3.10
HA 4PH A 21 -0.59 3.15 2.89
HB2 4PH A 21 -3.40 2.41 3.74
HB3 4PH A 21 -1.99 2.49 4.78
HD2 4PH A 21 -4.04 0.37 2.91
HD1 4PH A 21 0.00 0.95 4.08
HE2 4PH A 21 -3.58 -2.01 2.47
HE1 4PH A 21 0.47 -1.41 3.65
H33 4PH A 21 -1.43 -3.78 3.62
H33A 4PH A 21 -1.88 -3.52 1.94
H33B 4PH A 21 -0.21 -3.27 2.46
H 4PH A 21 -2.72 4.76 3.80
N GLN A 22 -3.27 3.23 0.96
CA GLN A 22 -3.74 2.99 -0.40
C GLN A 22 -2.85 3.67 -1.43
N ALA A 23 -2.29 4.82 -1.05
CA ALA A 23 -1.39 5.57 -1.92
C ALA A 23 -0.13 4.77 -2.24
N ASP A 24 0.33 4.01 -1.26
CA ASP A 24 1.50 3.14 -1.47
C ASP A 24 1.12 1.92 -2.29
N LEU A 25 -0.09 1.42 -2.07
CA LEU A 25 -0.60 0.29 -2.83
C LEU A 25 -0.69 0.62 -4.31
N ALA A 26 -1.03 1.87 -4.60
CA ALA A 26 -1.07 2.33 -5.99
C ALA A 26 0.31 2.23 -6.62
N LYS A 27 1.33 2.55 -5.84
CA LYS A 27 2.71 2.46 -6.30
C LYS A 27 3.14 1.00 -6.43
CA 4PH A 28 3.08 -1.23 -5.46
CB 4PH A 28 2.62 -1.91 -4.16
CG 4PH A 28 2.55 -3.41 -4.26
CD2 4PH A 28 1.33 -4.07 -4.12
CD1 4PH A 28 3.68 -4.17 -4.50
CE2 4PH A 28 1.24 -5.44 -4.22
CE1 4PH A 28 3.60 -5.55 -4.61
CZ 4PH A 28 2.38 -6.18 -4.47
C 4PH A 28 2.45 -1.90 -6.67
C33 4PH A 28 2.30 -7.55 -4.62
O 4PH A 28 3.12 -2.60 -7.42
N 4PH A 28 2.77 0.19 -5.44
HA 4PH A 28 4.16 -1.33 -5.54
HB2 4PH A 28 1.63 -1.55 -3.92
HB3 4PH A 28 3.29 -1.66 -3.36
HD2 4PH A 28 0.44 -3.48 -3.92
HD1 4PH A 28 4.63 -3.68 -4.61
HE2 4PH A 28 0.29 -5.93 -4.11
HE1 4PH A 28 4.48 -6.13 -4.80
H33 4PH A 28 2.13 -7.80 -5.65
H33A 4PH A 28 3.21 -8.01 -4.28
H33B 4PH A 28 1.47 -7.92 -4.02
H 4PH A 28 2.29 0.57 -4.67
N GLN A 29 1.16 -1.67 -6.87
CA GLN A 29 0.44 -2.30 -7.97
C GLN A 29 0.96 -1.81 -9.33
N LYS A 30 1.38 -0.56 -9.39
CA LYS A 30 1.93 0.01 -10.62
C LYS A 30 3.28 -0.64 -10.95
N ASP A 31 4.15 -0.72 -9.96
CA ASP A 31 5.47 -1.32 -10.14
C ASP A 31 5.36 -2.83 -10.35
N LEU A 32 4.41 -3.45 -9.66
CA LEU A 32 4.15 -4.88 -9.82
C LEU A 32 3.70 -5.15 -11.26
N ALA A 33 2.88 -4.26 -11.79
CA ALA A 33 2.40 -4.37 -13.16
C ALA A 33 3.57 -4.32 -14.14
N ASP A 34 4.53 -3.44 -13.86
CA ASP A 34 5.71 -3.31 -14.71
C ASP A 34 6.65 -4.50 -14.54
CA 4PH A 35 7.67 -6.08 -12.98
CB 4PH A 35 7.72 -6.28 -11.47
CG 4PH A 35 8.64 -7.39 -11.03
CD2 4PH A 35 8.12 -8.61 -10.61
CD1 4PH A 35 10.00 -7.21 -11.03
CE2 4PH A 35 8.97 -9.62 -10.20
CE1 4PH A 35 10.86 -8.23 -10.63
CZ 4PH A 35 10.33 -9.43 -10.21
C 4PH A 35 7.18 -7.35 -13.66
C33 4PH A 35 11.17 -10.45 -9.81
O 4PH A 35 7.94 -8.04 -14.34
N 4PH A 35 6.80 -4.95 -13.29
HA 4PH A 35 8.65 -5.85 -13.34
HB2 4PH A 35 6.73 -6.50 -11.10
HB3 4PH A 35 8.07 -5.37 -11.00
HD2 4PH A 35 7.05 -8.76 -10.59
HD1 4PH A 35 10.42 -6.27 -11.36
HE2 4PH A 35 8.55 -10.57 -9.87
HE1 4PH A 35 11.92 -8.08 -10.63
H33 4PH A 35 10.68 -11.07 -9.07
H33A 4PH A 35 11.45 -11.05 -10.67
H33B 4PH A 35 12.07 -10.02 -9.38
H 4PH A 35 6.33 -4.50 -12.56
N NH2 A 36 5.90 -7.67 -13.48
HN1 NH2 A 36 5.36 -7.06 -12.93
HN2 NH2 A 36 5.56 -8.48 -13.91
C ACE A 1 13.53 -3.79 -6.80
O ACE A 1 13.85 -2.68 -6.37
CH3 ACE A 1 13.15 -3.98 -8.24
H1 ACE A 1 13.22 -5.03 -8.48
H2 ACE A 1 13.82 -3.43 -8.86
H3 ACE A 1 12.14 -3.61 -8.39
N PRO A 2 13.49 -4.87 -6.02
CA PRO A 2 12.24 -5.55 -5.65
C PRO A 2 11.25 -4.61 -4.96
N PRO A 3 9.98 -4.61 -5.39
CA PRO A 3 8.95 -3.75 -4.80
C PRO A 3 8.55 -4.23 -3.41
N THR A 4 8.76 -3.38 -2.41
CA THR A 4 8.39 -3.73 -1.04
C THR A 4 6.87 -3.72 -0.88
N LYS A 5 6.31 -4.87 -0.53
CA LYS A 5 4.87 -4.97 -0.31
C LYS A 5 4.50 -4.28 1.00
N PRO A 6 3.40 -3.52 1.01
CA PRO A 6 2.94 -2.80 2.20
C PRO A 6 2.38 -3.73 3.26
N THR A 7 2.44 -3.30 4.51
CA THR A 7 1.93 -4.10 5.62
C THR A 7 0.44 -3.81 5.82
N LYS A 8 -0.32 -4.88 6.05
CA LYS A 8 -1.78 -4.81 6.16
C LYS A 8 -2.21 -3.83 7.26
N PRO A 9 -3.26 -3.04 7.00
CA PRO A 9 -3.82 -2.12 8.00
C PRO A 9 -4.67 -2.84 9.04
N GLY A 10 -4.06 -3.13 10.17
CA GLY A 10 -4.80 -3.66 11.31
C GLY A 10 -5.08 -2.58 12.32
N ASP A 11 -4.02 -2.14 12.99
CA ASP A 11 -4.09 -0.98 13.87
C ASP A 11 -3.84 0.28 13.05
N ASN A 12 -2.97 0.12 12.07
CA ASN A 12 -2.62 1.19 11.13
C ASN A 12 -3.76 1.45 10.14
N ALA A 13 -4.92 0.86 10.40
CA ALA A 13 -6.09 1.02 9.55
C ALA A 13 -6.88 2.28 9.90
N THR A 14 -6.22 3.23 10.53
CA THR A 14 -6.85 4.49 10.86
C THR A 14 -7.22 5.23 9.58
N PRO A 15 -8.44 5.80 9.52
CA PRO A 15 -8.97 6.45 8.31
C PRO A 15 -7.96 7.35 7.60
N GLU A 16 -7.11 8.02 8.36
CA GLU A 16 -6.11 8.93 7.80
C GLU A 16 -4.97 8.16 7.13
N LYS A 17 -4.45 7.16 7.84
CA LYS A 17 -3.31 6.40 7.34
C LYS A 17 -3.76 5.35 6.35
N LEU A 18 -5.02 4.96 6.44
CA LEU A 18 -5.61 4.00 5.51
C LEU A 18 -5.64 4.58 4.10
N ALA A 19 -5.85 5.88 4.02
CA ALA A 19 -5.83 6.59 2.75
C ALA A 19 -4.41 6.68 2.21
N LYS A 20 -3.47 6.94 3.11
CA LYS A 20 -2.05 6.93 2.77
C LYS A 20 -1.64 5.55 2.26
CA 4PH A 21 -1.95 3.15 2.53
CB 4PH A 21 -2.67 2.22 3.53
CG 4PH A 21 -2.51 0.76 3.25
CD2 4PH A 21 -3.54 0.03 2.67
CD1 4PH A 21 -1.35 0.09 3.58
CE2 4PH A 21 -3.40 -1.32 2.43
CE1 4PH A 21 -1.20 -1.25 3.34
CZ 4PH A 21 -2.23 -1.96 2.76
C 4PH A 21 -2.43 2.91 1.10
C33 4PH A 21 -2.08 -3.31 2.49
O 4PH A 21 -1.70 2.38 0.29
N 4PH A 21 -2.17 4.53 2.92
HA 4PH A 21 -0.88 2.96 2.59
HB2 4PH A 21 -3.72 2.45 3.51
HB3 4PH A 21 -2.29 2.41 4.52
HD2 4PH A 21 -4.46 0.54 2.42
HD1 4PH A 21 -0.53 0.65 4.03
HE2 4PH A 21 -4.22 -1.87 1.97
HE1 4PH A 21 -0.29 -1.76 3.60
H33 4PH A 21 -1.41 -3.75 3.22
H33A 4PH A 21 -3.04 -3.80 2.54
H33B 4PH A 21 -1.66 -3.44 1.50
H 4PH A 21 -2.72 4.72 3.72
N GLN A 22 -3.65 3.35 0.81
CA GLN A 22 -4.23 3.20 -0.53
C GLN A 22 -3.35 3.84 -1.59
N ALA A 23 -2.76 4.99 -1.27
CA ALA A 23 -1.89 5.70 -2.20
C ALA A 23 -0.63 4.91 -2.48
N ASP A 24 -0.10 4.27 -1.44
CA ASP A 24 1.09 3.44 -1.58
C ASP A 24 0.77 2.16 -2.36
N LEU A 25 -0.44 1.65 -2.18
CA LEU A 25 -0.90 0.48 -2.91
C LEU A 25 -0.97 0.77 -4.41
N ALA A 26 -1.30 2.00 -4.76
CA ALA A 26 -1.35 2.41 -6.16
C ALA A 26 0.05 2.29 -6.77
N LYS A 27 1.05 2.72 -6.02
CA LYS A 27 2.43 2.63 -6.47
C LYS A 27 2.89 1.18 -6.48
CA 4PH A 28 2.91 -0.96 -5.32
CB 4PH A 28 2.44 -1.53 -3.97
CG 4PH A 28 2.58 -3.03 -3.86
CD2 4PH A 28 1.45 -3.82 -3.74
CD1 4PH A 28 3.82 -3.63 -3.88
CE2 4PH A 28 1.56 -5.19 -3.64
CE1 4PH A 28 3.94 -5.01 -3.77
CZ 4PH A 28 2.80 -5.78 -3.65
C 4PH A 28 2.34 -1.77 -6.47
C33 4PH A 28 2.91 -7.16 -3.56
O 4PH A 28 3.07 -2.51 -7.12
N 4PH A 28 2.54 0.45 -5.43
HA 4PH A 28 3.99 -1.01 -5.37
HB2 4PH A 28 1.40 -1.29 -3.83
HB3 4PH A 28 3.02 -1.08 -3.18
HD2 4PH A 28 0.47 -3.37 -3.73
HD1 4PH A 28 4.71 -3.03 -3.96
HE2 4PH A 28 0.67 -5.81 -3.55
HE1 4PH A 28 4.92 -5.47 -3.78
H33 4PH A 28 2.10 -7.56 -2.98
H33A 4PH A 28 2.91 -7.60 -4.55
H33B 4PH A 28 3.85 -7.41 -3.06
H 4PH A 28 2.01 0.87 -4.72
N GLN A 29 1.05 -1.62 -6.74
CA GLN A 29 0.39 -2.37 -7.79
C GLN A 29 1.03 -2.07 -9.15
N LYS A 30 1.27 -0.80 -9.40
CA LYS A 30 1.86 -0.34 -10.65
C LYS A 30 3.29 -0.84 -10.80
N ASP A 31 4.06 -0.73 -9.73
CA ASP A 31 5.47 -1.14 -9.75
C ASP A 31 5.59 -2.65 -9.77
N LEU A 32 4.62 -3.33 -9.15
CA LEU A 32 4.58 -4.78 -9.12
C LEU A 32 4.32 -5.32 -10.52
N ALA A 33 3.38 -4.69 -11.21
CA ALA A 33 3.02 -5.08 -12.57
C ALA A 33 4.23 -4.99 -13.49
N ASP A 34 4.95 -3.90 -13.38
CA ASP A 34 6.15 -3.68 -14.19
C ASP A 34 7.26 -4.66 -13.82
CA 4PH A 35 8.23 -6.06 -12.08
CB 4PH A 35 8.28 -6.04 -10.55
CG 4PH A 35 9.35 -6.90 -9.94
CD2 4PH A 35 10.68 -6.54 -10.04
CD1 4PH A 35 9.03 -8.07 -9.27
CE2 4PH A 35 11.67 -7.32 -9.49
CE1 4PH A 35 10.01 -8.85 -8.70
CZ 4PH A 35 11.33 -8.48 -8.82
C 4PH A 35 7.91 -7.47 -12.57
C33 4PH A 35 12.33 -9.26 -8.25
O 4PH A 35 6.93 -8.08 -12.13
N 4PH A 35 7.24 -5.11 -12.56
HA 4PH A 35 9.19 -5.77 -12.47
HB2 4PH A 35 7.33 -6.37 -10.17
HB3 4PH A 35 8.45 -5.02 -10.22
HD2 4PH A 35 10.94 -5.63 -10.57
HD1 4PH A 35 7.99 -8.36 -9.18
HE2 4PH A 35 12.71 -7.02 -9.58
HE1 4PH A 35 9.75 -9.75 -8.18
H33 4PH A 35 12.02 -10.29 -8.25
H33A 4PH A 35 13.24 -9.15 -8.81
H33B 4PH A 35 12.49 -8.94 -7.23
H 4PH A 35 6.54 -4.80 -11.96
N NH2 A 36 8.73 -7.98 -13.48
HN1 NH2 A 36 9.47 -7.43 -13.78
HN2 NH2 A 36 8.54 -8.89 -13.80
C ACE A 1 13.35 -5.45 -6.21
O ACE A 1 13.60 -4.60 -5.36
CH3 ACE A 1 13.27 -5.09 -7.67
H1 ACE A 1 13.04 -5.99 -8.24
H2 ACE A 1 14.21 -4.70 -7.99
H3 ACE A 1 12.51 -4.34 -7.80
N PRO A 2 13.10 -6.73 -5.89
CA PRO A 2 11.77 -7.32 -6.00
C PRO A 2 10.73 -6.53 -5.20
N PRO A 3 9.62 -6.14 -5.85
CA PRO A 3 8.61 -5.31 -5.20
C PRO A 3 7.75 -6.11 -4.23
N THR A 4 7.98 -5.87 -2.95
CA THR A 4 7.23 -6.55 -1.91
C THR A 4 6.02 -5.74 -1.50
N LYS A 5 4.91 -6.42 -1.24
CA LYS A 5 3.69 -5.73 -0.83
C LYS A 5 3.79 -5.28 0.62
N PRO A 6 3.24 -4.12 0.95
CA PRO A 6 3.23 -3.61 2.32
C PRO A 6 2.31 -4.43 3.22
N THR A 7 2.60 -4.41 4.51
CA THR A 7 1.81 -5.15 5.49
C THR A 7 0.42 -4.51 5.65
N LYS A 8 -0.57 -5.37 5.84
CA LYS A 8 -1.96 -4.92 5.98
C LYS A 8 -2.17 -4.19 7.31
N PRO A 9 -2.60 -2.91 7.26
CA PRO A 9 -2.89 -2.13 8.46
C PRO A 9 -4.06 -2.70 9.26
N GLY A 10 -3.79 -3.07 10.50
CA GLY A 10 -4.85 -3.53 11.37
C GLY A 10 -5.29 -2.46 12.35
N ASP A 11 -4.42 -2.15 13.30
CA ASP A 11 -4.68 -1.12 14.29
C ASP A 11 -4.41 0.26 13.71
N ASN A 12 -3.44 0.33 12.81
CA ASN A 12 -3.05 1.58 12.16
C ASN A 12 -3.92 1.86 10.95
N ALA A 13 -4.98 1.07 10.78
CA ALA A 13 -5.89 1.23 9.65
C ALA A 13 -6.81 2.44 9.83
N THR A 14 -6.36 3.40 10.61
CA THR A 14 -7.09 4.64 10.83
C THR A 14 -7.33 5.36 9.51
N PRO A 15 -8.54 5.92 9.31
CA PRO A 15 -8.99 6.49 8.03
C PRO A 15 -7.94 7.29 7.28
N GLU A 16 -7.26 8.20 7.98
CA GLU A 16 -6.29 9.10 7.34
C GLU A 16 -5.09 8.34 6.82
N LYS A 17 -4.62 7.37 7.59
CA LYS A 17 -3.45 6.59 7.23
C LYS A 17 -3.83 5.48 6.27
N LEU A 18 -5.04 4.96 6.42
CA LEU A 18 -5.55 3.92 5.52
C LEU A 18 -5.61 4.45 4.10
N ALA A 19 -6.00 5.72 3.98
CA ALA A 19 -6.05 6.39 2.70
C ALA A 19 -4.66 6.58 2.13
N LYS A 20 -3.72 6.87 3.03
CA LYS A 20 -2.32 7.00 2.64
C LYS A 20 -1.77 5.65 2.19
CA 4PH A 21 -1.82 3.24 2.55
CB 4PH A 21 -2.35 2.29 3.61
CG 4PH A 21 -2.15 0.84 3.30
CD2 4PH A 21 -0.89 0.28 3.38
CD1 4PH A 21 -3.22 0.04 2.93
CE2 4PH A 21 -0.69 -1.06 3.09
CE1 4PH A 21 -3.03 -1.29 2.64
CZ 4PH A 21 -1.77 -1.83 2.72
C 4PH A 21 -2.34 2.84 1.17
C33 4PH A 21 -1.59 -3.18 2.43
O 4PH A 21 -1.65 2.15 0.42
N 4PH A 21 -2.21 4.60 2.87
HA 4PH A 21 -0.75 3.19 2.55
HB2 4PH A 21 -3.42 2.45 3.72
HB3 4PH A 21 -1.87 2.50 4.55
HD2 4PH A 21 -0.04 0.89 3.67
HD1 4PH A 21 -4.20 0.48 2.86
HE2 4PH A 21 0.29 -1.48 3.15
HE1 4PH A 21 -3.87 -1.90 2.35
H33 4PH A 21 -1.35 -3.30 1.39
H33A 4PH A 21 -0.78 -3.58 3.04
H33B 4PH A 21 -2.50 -3.71 2.65
H 4PH A 21 -2.81 4.76 3.64
N GLN A 22 -3.54 3.27 0.83
CA GLN A 22 -4.12 2.99 -0.48
C GLN A 22 -3.25 3.59 -1.59
N ALA A 23 -2.66 4.74 -1.29
CA ALA A 23 -1.75 5.40 -2.22
C ALA A 23 -0.44 4.63 -2.34
N ASP A 24 -0.03 4.01 -1.24
CA ASP A 24 1.17 3.19 -1.25
C ASP A 24 0.92 1.94 -2.08
N LEU A 25 -0.26 1.36 -1.91
CA LEU A 25 -0.69 0.24 -2.72
C LEU A 25 -0.70 0.61 -4.19
N ALA A 26 -1.07 1.86 -4.48
CA ALA A 26 -1.07 2.34 -5.86
C ALA A 26 0.32 2.24 -6.46
N LYS A 27 1.33 2.60 -5.67
CA LYS A 27 2.71 2.49 -6.12
C LYS A 27 3.08 1.03 -6.34
CA 4PH A 28 2.96 -1.24 -5.47
CB 4PH A 28 2.53 -1.94 -4.17
CG 4PH A 28 2.48 -3.45 -4.27
CD2 4PH A 28 1.27 -4.11 -4.16
CD1 4PH A 28 3.63 -4.19 -4.49
CE2 4PH A 28 1.20 -5.48 -4.26
CE1 4PH A 28 3.57 -5.57 -4.60
CZ 4PH A 28 2.35 -6.21 -4.48
C 4PH A 28 2.25 -1.87 -6.67
C33 4PH A 28 2.28 -7.59 -4.61
O 4PH A 28 2.85 -2.65 -7.41
N 4PH A 28 2.68 0.19 -5.39
HA 4PH A 28 4.02 -1.36 -5.60
HB2 4PH A 28 1.55 -1.59 -3.90
HB3 4PH A 28 3.23 -1.69 -3.39
HD2 4PH A 28 0.37 -3.54 -3.99
HD1 4PH A 28 4.58 -3.68 -4.59
HE2 4PH A 28 0.25 -5.98 -4.17
HE1 4PH A 28 4.47 -6.14 -4.76
H33 4PH A 28 1.46 -7.96 -4.03
H33A 4PH A 28 2.14 -7.84 -5.65
H33B 4PH A 28 3.21 -8.01 -4.24
H 4PH A 28 2.19 0.54 -4.62
N GLN A 29 0.99 -1.53 -6.87
CA GLN A 29 0.19 -2.09 -7.95
C GLN A 29 0.81 -1.79 -9.31
N LYS A 30 1.33 -0.59 -9.48
CA LYS A 30 1.94 -0.20 -10.74
C LYS A 30 3.33 -0.83 -10.89
N ASP A 31 4.11 -0.78 -9.81
CA ASP A 31 5.48 -1.28 -9.85
C ASP A 31 5.49 -2.80 -10.02
N LEU A 32 4.48 -3.47 -9.47
CA LEU A 32 4.32 -4.91 -9.62
C LEU A 32 4.06 -5.23 -11.09
N ALA A 33 3.23 -4.42 -11.72
CA ALA A 33 2.92 -4.58 -13.14
C ALA A 33 4.15 -4.33 -13.99
N ASP A 34 4.88 -3.28 -13.65
CA ASP A 34 6.11 -2.91 -14.36
C ASP A 34 7.17 -4.00 -14.21
CA 4PH A 35 8.19 -5.63 -12.71
CB 4PH A 35 8.05 -6.05 -11.24
CG 4PH A 35 9.02 -7.12 -10.81
CD2 4PH A 35 10.37 -6.85 -10.71
CD1 4PH A 35 8.57 -8.40 -10.50
CE2 4PH A 35 11.26 -7.83 -10.31
CE1 4PH A 35 9.45 -9.38 -10.10
CZ 4PH A 35 10.79 -9.09 -10.00
C 4PH A 35 7.98 -6.83 -13.63
C33 4PH A 35 11.68 -10.08 -9.58
O 4PH A 35 6.87 -7.36 -13.74
N 4PH A 35 7.24 -4.57 -13.02
HA 4PH A 35 9.18 -5.24 -12.88
HB2 4PH A 35 7.05 -6.41 -11.08
HB3 4PH A 35 8.23 -5.19 -10.62
HD2 4PH A 35 10.73 -5.86 -10.95
HD1 4PH A 35 7.52 -8.62 -10.57
HE2 4PH A 35 12.31 -7.61 -10.23
HE1 4PH A 35 9.08 -10.36 -9.85
H33 4PH A 35 11.31 -11.04 -9.88
H33A 4PH A 35 12.65 -9.91 -10.02
H33B 4PH A 35 11.76 -10.04 -8.49
H 4PH A 35 6.63 -4.28 -12.31
N NH2 A 36 9.03 -7.25 -14.31
HN1 NH2 A 36 9.88 -6.77 -14.18
HN2 NH2 A 36 8.94 -8.02 -14.90
C ACE A 1 12.36 -5.20 -8.11
O ACE A 1 12.79 -4.18 -7.57
CH3 ACE A 1 11.81 -5.16 -9.51
H1 ACE A 1 12.03 -6.11 -9.99
H2 ACE A 1 12.28 -4.37 -10.05
H3 ACE A 1 10.74 -4.99 -9.46
N PRO A 2 12.35 -6.39 -7.49
CA PRO A 2 11.11 -7.05 -7.05
C PRO A 2 10.35 -6.19 -6.03
N PRO A 3 9.13 -5.78 -6.37
CA PRO A 3 8.30 -4.95 -5.47
C PRO A 3 7.76 -5.76 -4.28
N THR A 4 8.09 -5.31 -3.08
CA THR A 4 7.69 -6.01 -1.87
C THR A 4 6.25 -5.64 -1.48
N LYS A 5 5.45 -6.65 -1.19
CA LYS A 5 4.06 -6.44 -0.84
C LYS A 5 3.92 -5.92 0.59
N PRO A 6 3.11 -4.88 0.79
CA PRO A 6 2.82 -4.33 2.13
C PRO A 6 1.89 -5.24 2.93
N THR A 7 1.85 -5.03 4.24
CA THR A 7 0.97 -5.78 5.11
C THR A 7 -0.32 -4.99 5.36
N LYS A 8 -1.38 -5.71 5.72
CA LYS A 8 -2.67 -5.09 5.97
C LYS A 8 -2.63 -4.22 7.23
N PRO A 9 -3.16 -3.00 7.17
CA PRO A 9 -3.21 -2.08 8.30
C PRO A 9 -3.95 -2.66 9.50
N GLY A 10 -3.26 -2.72 10.64
CA GLY A 10 -3.89 -3.18 11.86
C GLY A 10 -4.28 -2.03 12.75
N ASP A 11 -3.29 -1.37 13.35
CA ASP A 11 -3.53 -0.22 14.21
C ASP A 11 -3.48 1.07 13.39
N ASN A 12 -2.81 0.97 12.24
CA ASN A 12 -2.69 2.10 11.31
C ASN A 12 -3.86 2.15 10.36
N ALA A 13 -4.88 1.34 10.64
CA ALA A 13 -6.05 1.24 9.78
C ALA A 13 -7.02 2.39 10.02
N THR A 14 -6.51 3.51 10.51
CA THR A 14 -7.31 4.69 10.74
C THR A 14 -7.69 5.32 9.41
N PRO A 15 -8.91 5.88 9.28
CA PRO A 15 -9.43 6.45 8.04
C PRO A 15 -8.40 7.27 7.24
N GLU A 16 -7.60 8.05 7.95
CA GLU A 16 -6.63 8.92 7.30
C GLU A 16 -5.42 8.15 6.78
N LYS A 17 -4.88 7.25 7.59
CA LYS A 17 -3.69 6.52 7.22
C LYS A 17 -4.03 5.32 6.34
N LEU A 18 -5.29 4.89 6.42
CA LEU A 18 -5.80 3.85 5.54
C LEU A 18 -5.77 4.34 4.10
N ALA A 19 -6.00 5.65 3.95
CA ALA A 19 -5.92 6.29 2.65
C ALA A 19 -4.48 6.38 2.18
N LYS A 20 -3.57 6.61 3.13
CA LYS A 20 -2.14 6.61 2.84
C LYS A 20 -1.71 5.22 2.39
CA 4PH A 21 -2.01 2.82 2.66
CB 4PH A 21 -2.73 1.86 3.62
CG 4PH A 21 -2.53 0.42 3.30
CD2 4PH A 21 -3.58 -0.34 2.79
CD1 4PH A 21 -1.31 -0.19 3.50
CE2 4PH A 21 -3.40 -1.67 2.48
CE1 4PH A 21 -1.12 -1.53 3.20
CZ 4PH A 21 -2.18 -2.27 2.69
C 4PH A 21 -2.45 2.56 1.22
C33 4PH A 21 -1.98 -3.60 2.36
O 4PH A 21 -1.71 1.98 0.44
N 4PH A 21 -2.29 4.20 3.03
HA 4PH A 21 -0.95 2.66 2.74
HB2 4PH A 21 -3.79 2.08 3.60
HB3 4PH A 21 -2.36 2.04 4.63
HD2 4PH A 21 -4.54 0.13 2.62
HD1 4PH A 21 -0.49 0.38 3.90
HE2 4PH A 21 -4.22 -2.24 2.08
HE1 4PH A 21 -0.17 -1.99 3.36
H33 4PH A 21 -2.21 -4.22 3.21
H33A 4PH A 21 -2.63 -3.86 1.53
H33B 4PH A 21 -0.95 -3.75 2.07
H 4PH A 21 -2.90 4.38 3.77
N GLN A 22 -3.66 3.02 0.87
CA GLN A 22 -4.15 2.87 -0.50
C GLN A 22 -3.25 3.60 -1.49
N ALA A 23 -2.70 4.72 -1.06
CA ALA A 23 -1.77 5.48 -1.87
C ALA A 23 -0.46 4.73 -2.07
N ASP A 24 -0.02 4.06 -1.01
CA ASP A 24 1.20 3.26 -1.05
C ASP A 24 1.01 2.04 -1.96
N LEU A 25 -0.19 1.47 -1.91
CA LEU A 25 -0.52 0.33 -2.78
C LEU A 25 -0.47 0.74 -4.25
N ALA A 26 -0.75 2.00 -4.52
CA ALA A 26 -0.68 2.50 -5.89
C ALA A 26 0.75 2.44 -6.41
N LYS A 27 1.71 2.56 -5.51
CA LYS A 27 3.11 2.42 -5.88
C LYS A 27 3.46 0.95 -6.09
CA 4PH A 28 3.22 -1.32 -5.24
CB 4PH A 28 2.64 -2.01 -3.99
CG 4PH A 28 2.57 -3.51 -4.10
CD2 4PH A 28 1.33 -4.13 -4.19
CD1 4PH A 28 3.71 -4.29 -4.12
CE2 4PH A 28 1.25 -5.51 -4.31
CE1 4PH A 28 3.63 -5.67 -4.25
CZ 4PH A 28 2.40 -6.27 -4.35
C 4PH A 28 2.59 -1.91 -6.50
C33 4PH A 28 2.31 -7.64 -4.49
O 4PH A 28 3.24 -2.65 -7.24
N 4PH A 28 2.99 0.11 -5.16
HA 4PH A 28 4.29 -1.48 -5.28
HB2 4PH A 28 1.65 -1.64 -3.81
HB3 4PH A 28 3.27 -1.78 -3.13
HD2 4PH A 28 0.43 -3.55 -4.17
HD1 4PH A 28 4.67 -3.81 -4.06
HE2 4PH A 28 0.27 -5.98 -4.39
HE1 4PH A 28 4.53 -6.26 -4.27
H33 4PH A 28 2.32 -7.90 -5.54
H33A 4PH A 28 3.15 -8.11 -4.00
H33B 4PH A 28 1.39 -8.00 -4.05
H 4PH A 28 2.48 0.49 -4.41
N GLN A 29 1.33 -1.56 -6.76
CA GLN A 29 0.61 -2.08 -7.91
C GLN A 29 1.25 -1.60 -9.21
N LYS A 30 1.76 -0.39 -9.19
CA LYS A 30 2.39 0.21 -10.37
C LYS A 30 3.61 -0.60 -10.80
N ASP A 31 4.50 -0.88 -9.86
CA ASP A 31 5.73 -1.60 -10.17
C ASP A 31 5.42 -3.08 -10.41
N LEU A 32 4.37 -3.57 -9.76
CA LEU A 32 3.89 -4.93 -9.96
C LEU A 32 3.43 -5.14 -11.40
N ALA A 33 2.77 -4.13 -11.95
CA ALA A 33 2.26 -4.19 -13.31
C ALA A 33 3.40 -4.26 -14.33
N ASP A 34 4.53 -3.67 -13.98
CA ASP A 34 5.70 -3.69 -14.84
C ASP A 34 6.51 -4.97 -14.63
CA 4PH A 35 7.00 -6.85 -13.16
CB 4PH A 35 6.96 -7.09 -11.66
CG 4PH A 35 7.83 -8.22 -11.19
CD2 4PH A 35 7.29 -9.37 -10.64
CD1 4PH A 35 9.22 -8.11 -11.27
CE2 4PH A 35 8.10 -10.40 -10.19
CE1 4PH A 35 10.03 -9.13 -10.83
CZ 4PH A 35 9.47 -10.28 -10.29
C 4PH A 35 6.37 -8.01 -13.92
C33 4PH A 35 10.29 -11.30 -9.84
O 4PH A 35 5.14 -8.14 -13.97
N 4PH A 35 6.31 -5.61 -13.49
HA 4PH A 35 8.03 -6.74 -13.48
HB2 4PH A 35 5.94 -7.33 -11.37
HB3 4PH A 35 7.28 -6.20 -11.14
HD2 4PH A 35 6.21 -9.47 -10.57
HD1 4PH A 35 9.66 -7.22 -11.70
HE2 4PH A 35 7.66 -11.29 -9.77
HE1 4PH A 35 11.10 -9.04 -10.91
H33 4PH A 35 10.53 -11.14 -8.80
H33A 4PH A 35 9.78 -12.25 -9.95
H33B 4PH A 35 11.20 -11.31 -10.42
H 4PH A 35 5.68 -5.23 -12.84
N NH2 A 36 7.19 -8.85 -14.51
HN1 NH2 A 36 8.15 -8.68 -14.44
HN2 NH2 A 36 6.82 -9.61 -15.00
C ACE A 1 13.97 -4.87 -6.33
O ACE A 1 14.47 -4.08 -5.53
CH3 ACE A 1 13.65 -4.46 -7.75
H1 ACE A 1 14.23 -5.08 -8.43
H2 ACE A 1 13.92 -3.43 -7.88
H3 ACE A 1 12.59 -4.58 -7.90
N PRO A 2 13.70 -6.14 -6.00
CA PRO A 2 12.35 -6.69 -5.98
C PRO A 2 11.43 -5.93 -5.02
N PRO A 3 10.32 -5.37 -5.54
CA PRO A 3 9.37 -4.62 -4.72
C PRO A 3 8.60 -5.51 -3.76
N THR A 4 8.76 -5.27 -2.47
CA THR A 4 8.09 -6.05 -1.45
C THR A 4 6.71 -5.47 -1.15
N LYS A 5 5.79 -6.32 -0.74
CA LYS A 5 4.44 -5.90 -0.43
C LYS A 5 4.32 -5.40 1.01
N PRO A 6 3.52 -4.37 1.24
CA PRO A 6 3.26 -3.84 2.57
C PRO A 6 2.39 -4.77 3.41
N THR A 7 2.46 -4.60 4.72
CA THR A 7 1.62 -5.36 5.63
C THR A 7 0.24 -4.70 5.75
N LYS A 8 -0.76 -5.51 6.05
CA LYS A 8 -2.13 -5.03 6.18
C LYS A 8 -2.30 -4.23 7.47
N PRO A 9 -2.77 -2.98 7.38
CA PRO A 9 -3.04 -2.15 8.55
C PRO A 9 -4.02 -2.80 9.51
N GLY A 10 -3.61 -2.96 10.76
CA GLY A 10 -4.46 -3.57 11.75
C GLY A 10 -5.12 -2.55 12.66
N ASP A 11 -4.33 -1.92 13.51
CA ASP A 11 -4.83 -0.87 14.38
C ASP A 11 -4.55 0.49 13.75
N ASN A 12 -3.62 0.50 12.82
CA ASN A 12 -3.25 1.71 12.11
C ASN A 12 -4.12 1.89 10.87
N ALA A 13 -5.16 1.07 10.76
CA ALA A 13 -6.07 1.11 9.63
C ALA A 13 -7.03 2.30 9.73
N THR A 14 -6.63 3.32 10.45
CA THR A 14 -7.41 4.54 10.58
C THR A 14 -7.53 5.22 9.22
N PRO A 15 -8.69 5.81 8.92
CA PRO A 15 -8.99 6.46 7.64
C PRO A 15 -7.81 7.26 7.07
N GLU A 16 -7.09 7.98 7.92
CA GLU A 16 -5.95 8.78 7.47
C GLU A 16 -4.83 7.90 6.92
N LYS A 17 -4.42 6.91 7.69
CA LYS A 17 -3.32 6.04 7.30
C LYS A 17 -3.78 5.05 6.24
N LEU A 18 -5.04 4.64 6.32
CA LEU A 18 -5.62 3.69 5.37
C LEU A 18 -5.68 4.33 3.98
N ALA A 19 -5.89 5.65 3.96
CA ALA A 19 -5.92 6.40 2.72
C ALA A 19 -4.53 6.51 2.12
N LYS A 20 -3.54 6.79 2.97
CA LYS A 20 -2.16 6.86 2.52
C LYS A 20 -1.68 5.48 2.08
CA 4PH A 21 -1.95 3.07 2.38
CB 4PH A 21 -2.70 2.14 3.33
CG 4PH A 21 -2.45 0.67 3.12
CD2 4PH A 21 -3.41 -0.13 2.53
CD1 4PH A 21 -1.25 0.10 3.51
CE2 4PH A 21 -3.19 -1.48 2.34
CE1 4PH A 21 -1.02 -1.25 3.32
CZ 4PH A 21 -1.99 -2.04 2.74
C 4PH A 21 -2.37 2.83 0.94
C33 4PH A 21 -1.76 -3.40 2.55
O 4PH A 21 -1.63 2.25 0.15
N 4PH A 21 -2.21 4.44 2.74
HA 4PH A 21 -0.90 2.90 2.47
HB2 4PH A 21 -3.76 2.31 3.23
HB3 4PH A 21 -2.41 2.36 4.34
HD2 4PH A 21 -4.35 0.31 2.23
HD1 4PH A 21 -0.49 0.71 3.97
HE2 4PH A 21 -3.95 -2.10 1.89
HE1 4PH A 21 -0.09 -1.69 3.64
H33 4PH A 21 -1.10 -3.76 3.33
H33A 4PH A 21 -2.69 -3.93 2.58
H33B 4PH A 21 -1.29 -3.54 1.59
H 4PH A 21 -2.79 4.63 3.51
N GLN A 22 -3.56 3.32 0.56
CA GLN A 22 -4.04 3.23 -0.80
C GLN A 22 -3.09 3.91 -1.78
N ALA A 23 -2.49 5.01 -1.35
CA ALA A 23 -1.55 5.76 -2.18
C ALA A 23 -0.27 4.98 -2.42
N ASP A 24 0.24 4.35 -1.36
CA ASP A 24 1.45 3.55 -1.47
C ASP A 24 1.18 2.26 -2.22
N LEU A 25 -0.02 1.71 -2.03
CA LEU A 25 -0.44 0.53 -2.77
C LEU A 25 -0.60 0.84 -4.24
N ALA A 26 -0.96 2.07 -4.55
CA ALA A 26 -1.04 2.52 -5.94
C ALA A 26 0.35 2.52 -6.55
N LYS A 27 1.35 2.80 -5.73
CA LYS A 27 2.74 2.70 -6.16
C LYS A 27 3.13 1.25 -6.36
CA 4PH A 28 3.20 -0.98 -5.35
CB 4PH A 28 2.85 -1.62 -4.01
CG 4PH A 28 2.95 -3.13 -4.01
CD2 4PH A 28 1.80 -3.91 -3.87
CD1 4PH A 28 4.17 -3.77 -4.13
CE2 4PH A 28 1.88 -5.30 -3.88
CE1 4PH A 28 4.26 -5.15 -4.14
CZ 4PH A 28 3.10 -5.90 -4.02
C 4PH A 28 2.52 -1.72 -6.50
C33 4PH A 28 3.18 -7.29 -4.05
O 4PH A 28 3.18 -2.41 -7.27
N 4PH A 28 2.83 0.43 -5.35
HA 4PH A 28 4.27 -1.04 -5.50
HB2 4PH A 28 1.82 -1.37 -3.75
HB3 4PH A 28 3.50 -1.25 -3.25
HD2 4PH A 28 0.84 -3.43 -3.77
HD1 4PH A 28 5.06 -3.17 -4.23
HE2 4PH A 28 0.98 -5.88 -3.79
HE1 4PH A 28 5.22 -5.63 -4.24
H33 4PH A 28 4.13 -7.61 -3.63
H33A 4PH A 28 2.37 -7.71 -3.48
H33B 4PH A 28 3.12 -7.62 -5.07
H 4PH A 28 2.36 0.80 -4.57
N GLN A 29 1.21 -1.57 -6.63
CA GLN A 29 0.46 -2.31 -7.65
C GLN A 29 0.89 -1.93 -9.06
N LYS A 30 1.06 -0.64 -9.31
CA LYS A 30 1.48 -0.16 -10.62
C LYS A 30 2.88 -0.66 -10.96
N ASP A 31 3.77 -0.61 -9.98
CA ASP A 31 5.15 -1.01 -10.17
C ASP A 31 5.28 -2.53 -10.25
N LEU A 32 4.52 -3.23 -9.42
CA LEU A 32 4.53 -4.68 -9.40
C LEU A 32 4.09 -5.21 -10.76
N ALA A 33 3.06 -4.60 -11.32
CA ALA A 33 2.54 -4.99 -12.62
C ALA A 33 3.60 -4.81 -13.71
N ASP A 34 4.44 -3.80 -13.55
CA ASP A 34 5.52 -3.53 -14.49
C ASP A 34 6.69 -4.49 -14.26
CA 4PH A 35 8.02 -5.69 -12.60
CB 4PH A 35 8.20 -5.68 -11.08
CG 4PH A 35 9.33 -6.54 -10.59
CD2 4PH A 35 10.64 -6.09 -10.69
CD1 4PH A 35 9.09 -7.78 -10.02
CE2 4PH A 35 11.68 -6.88 -10.24
CE1 4PH A 35 10.13 -8.56 -9.57
CZ 4PH A 35 11.43 -8.11 -9.68
C 4PH A 35 7.73 -7.10 -13.09
C33 4PH A 35 12.49 -8.89 -9.23
O 4PH A 35 8.55 -7.74 -13.74
N 4PH A 35 6.95 -4.78 -12.98
HA 4PH A 35 8.93 -5.34 -13.07
HB2 4PH A 35 7.29 -6.04 -10.63
HB3 4PH A 35 8.38 -4.67 -10.76
HD2 4PH A 35 10.84 -5.13 -11.13
HD1 4PH A 35 8.07 -8.14 -9.93
HE2 4PH A 35 12.70 -6.52 -10.33
HE1 4PH A 35 9.94 -9.53 -9.13
H33 4PH A 35 13.29 -8.26 -8.90
H33A 4PH A 35 12.15 -9.51 -8.41
H33B 4PH A 35 12.84 -9.52 -10.04
H 4PH A 35 6.41 -4.36 -12.28
N NH2 A 36 6.53 -7.59 -12.80
HN1 NH2 A 36 5.91 -7.02 -12.27
HN2 NH2 A 36 6.31 -8.49 -13.09
C ACE A 1 12.98 -6.27 -6.84
O ACE A 1 13.20 -5.14 -6.39
CH3 ACE A 1 12.91 -6.50 -8.32
H1 ACE A 1 11.87 -6.60 -8.61
H2 ACE A 1 13.44 -7.40 -8.57
H3 ACE A 1 13.38 -5.66 -8.83
N PRO A 2 12.76 -7.32 -6.05
CA PRO A 2 11.43 -7.94 -5.91
C PRO A 2 10.42 -6.97 -5.30
N PRO A 3 9.28 -6.78 -5.96
CA PRO A 3 8.25 -5.83 -5.51
C PRO A 3 7.58 -6.30 -4.23
N THR A 4 7.84 -5.62 -3.13
CA THR A 4 7.27 -6.00 -1.85
C THR A 4 6.00 -5.22 -1.57
N LYS A 5 4.95 -5.94 -1.21
CA LYS A 5 3.67 -5.33 -0.88
C LYS A 5 3.76 -4.65 0.49
N PRO A 6 3.02 -3.54 0.66
CA PRO A 6 2.98 -2.83 1.95
C PRO A 6 2.30 -3.64 3.03
N THR A 7 2.55 -3.27 4.28
CA THR A 7 1.98 -3.99 5.42
C THR A 7 0.48 -3.74 5.53
N LYS A 8 -0.26 -4.80 5.77
CA LYS A 8 -1.70 -4.72 5.97
C LYS A 8 -2.03 -3.98 7.27
N PRO A 9 -2.68 -2.81 7.17
CA PRO A 9 -3.07 -2.03 8.35
C PRO A 9 -4.11 -2.73 9.21
N GLY A 10 -3.73 -3.06 10.43
CA GLY A 10 -4.65 -3.67 11.36
C GLY A 10 -5.18 -2.67 12.36
N ASP A 11 -4.32 -2.24 13.26
CA ASP A 11 -4.67 -1.25 14.27
C ASP A 11 -4.32 0.15 13.76
N ASN A 12 -3.39 0.20 12.83
CA ASN A 12 -2.98 1.46 12.21
C ASN A 12 -3.90 1.80 11.04
N ALA A 13 -4.99 1.05 10.92
CA ALA A 13 -5.94 1.21 9.82
C ALA A 13 -6.85 2.41 10.00
N THR A 14 -6.41 3.37 10.82
CA THR A 14 -7.15 4.61 11.02
C THR A 14 -7.34 5.34 9.68
N PRO A 15 -8.54 5.91 9.48
CA PRO A 15 -8.96 6.53 8.21
C PRO A 15 -7.84 7.26 7.46
N GLU A 16 -7.12 8.13 8.16
CA GLU A 16 -6.11 8.97 7.52
C GLU A 16 -4.96 8.13 6.96
N LYS A 17 -4.51 7.16 7.74
CA LYS A 17 -3.43 6.29 7.32
C LYS A 17 -3.94 5.25 6.33
N LEU A 18 -5.20 4.87 6.48
CA LEU A 18 -5.81 3.88 5.61
C LEU A 18 -5.94 4.44 4.20
N ALA A 19 -6.24 5.73 4.12
CA ALA A 19 -6.32 6.41 2.84
C ALA A 19 -4.94 6.55 2.22
N LYS A 20 -3.96 6.91 3.04
CA LYS A 20 -2.58 7.01 2.60
C LYS A 20 -2.08 5.64 2.13
CA 4PH A 21 -2.19 3.23 2.47
CB 4PH A 21 -2.80 2.26 3.50
CG 4PH A 21 -2.60 0.81 3.16
CD2 4PH A 21 -1.35 0.23 3.22
CD1 4PH A 21 -3.69 0.02 2.78
CE2 4PH A 21 -1.18 -1.10 2.92
CE1 4PH A 21 -3.51 -1.31 2.47
CZ 4PH A 21 -2.27 -1.86 2.54
C 4PH A 21 -2.68 2.91 1.06
C33 4PH A 21 -2.08 -3.20 2.22
O 4PH A 21 -1.93 2.38 0.24
N 4PH A 21 -2.52 4.59 2.82
HA 4PH A 21 -1.12 3.13 2.49
HB2 4PH A 21 -3.86 2.45 3.56
HB3 4PH A 21 -2.35 2.44 4.46
HD2 4PH A 21 -0.51 0.84 3.53
HD1 4PH A 21 -4.67 0.48 2.73
HE2 4PH A 21 -0.20 -1.55 2.98
HE1 4PH A 21 -4.36 -1.91 2.17
H33 4PH A 21 -1.87 -3.30 1.17
H33A 4PH A 21 -1.26 -3.61 2.81
H33B 4PH A 21 -2.99 -3.74 2.45
H 4PH A 21 -3.08 4.75 3.62
N GLN A 22 -3.93 3.24 0.77
CA GLN A 22 -4.50 3.02 -0.56
C GLN A 22 -3.69 3.75 -1.63
N ALA A 23 -3.11 4.88 -1.26
CA ALA A 23 -2.26 5.64 -2.15
C ALA A 23 -0.89 4.98 -2.28
N ASP A 24 -0.45 4.35 -1.21
CA ASP A 24 0.84 3.65 -1.21
C ASP A 24 0.78 2.38 -2.06
N LEU A 25 -0.41 1.78 -2.14
CA LEU A 25 -0.65 0.64 -3.04
C LEU A 25 -0.34 1.01 -4.48
N ALA A 26 -0.48 2.30 -4.80
CA ALA A 26 -0.20 2.78 -6.15
C ALA A 26 1.24 2.51 -6.54
N LYS A 27 2.15 2.56 -5.56
CA LYS A 27 3.54 2.25 -5.80
C LYS A 27 3.69 0.79 -6.17
CA 4PH A 28 3.15 -1.49 -5.47
CB 4PH A 28 2.56 -2.15 -4.21
CG 4PH A 28 2.39 -3.64 -4.30
CD2 4PH A 28 1.11 -4.19 -4.19
CD1 4PH A 28 3.47 -4.48 -4.47
CE2 4PH A 28 0.94 -5.56 -4.27
CE1 4PH A 28 3.30 -5.85 -4.55
CZ 4PH A 28 2.03 -6.39 -4.44
C 4PH A 28 2.44 -2.01 -6.72
C33 4PH A 28 1.86 -7.76 -4.50
O 4PH A 28 3.01 -2.79 -7.47
N 4PH A 28 3.04 -0.05 -5.35
HA 4PH A 28 4.20 -1.74 -5.54
HB2 4PH A 28 1.59 -1.71 -4.01
HB3 4PH A 28 3.22 -1.94 -3.38
HD2 4PH A 28 0.27 -3.55 -4.05
HD1 4PH A 28 4.47 -4.07 -4.56
HE2 4PH A 28 -0.05 -5.98 -4.17
HE1 4PH A 28 4.15 -6.50 -4.67
H33 4PH A 28 1.00 -8.04 -3.91
H33A 4PH A 28 1.72 -8.05 -5.53
H33B 4PH A 28 2.74 -8.25 -4.10
H 4PH A 28 2.47 0.33 -4.65
N GLN A 29 1.21 -1.56 -6.94
CA GLN A 29 0.41 -2.05 -8.06
C GLN A 29 1.06 -1.72 -9.40
N LYS A 30 1.65 -0.53 -9.48
CA LYS A 30 2.31 -0.11 -10.71
C LYS A 30 3.60 -0.91 -10.93
N ASP A 31 4.38 -1.06 -9.86
CA ASP A 31 5.66 -1.77 -9.96
C ASP A 31 5.44 -3.27 -10.18
N LEU A 32 4.39 -3.81 -9.57
CA LEU A 32 4.05 -5.21 -9.73
C LEU A 32 3.67 -5.50 -11.18
N ALA A 33 2.93 -4.57 -11.78
CA ALA A 33 2.49 -4.69 -13.16
C ALA A 33 3.69 -4.75 -14.10
N ASP A 34 4.62 -3.81 -13.93
CA ASP A 34 5.82 -3.75 -14.75
C ASP A 34 6.71 -4.97 -14.54
CA 4PH A 35 7.63 -6.56 -12.94
CB 4PH A 35 7.68 -6.71 -11.42
CG 4PH A 35 8.64 -7.76 -10.93
CD2 4PH A 35 10.00 -7.53 -10.98
CD1 4PH A 35 8.19 -8.96 -10.41
CE2 4PH A 35 10.90 -8.47 -10.52
CE1 4PH A 35 9.07 -9.91 -9.96
CZ 4PH A 35 10.43 -9.66 -10.01
C 4PH A 35 7.10 -7.84 -13.59
C33 4PH A 35 11.33 -10.61 -9.52
O 4PH A 35 7.88 -8.65 -14.09
N 4PH A 35 6.80 -5.42 -13.30
HA 4PH A 35 8.62 -6.37 -13.31
HB2 4PH A 35 6.69 -6.98 -11.07
HB3 4PH A 35 7.96 -5.77 -10.98
HD2 4PH A 35 10.37 -6.59 -11.39
HD1 4PH A 35 7.13 -9.15 -10.38
HE2 4PH A 35 11.96 -8.28 -10.56
HE1 4PH A 35 8.71 -10.84 -9.55
H33 4PH A 35 11.62 -11.27 -10.31
H33A 4PH A 35 12.20 -10.10 -9.12
H33B 4PH A 35 10.85 -11.17 -8.74
H 4PH A 35 6.30 -4.96 -12.59
N NH2 A 36 5.80 -8.01 -13.56
HN1 NH2 A 36 5.24 -7.32 -13.14
HN2 NH2 A 36 5.43 -8.83 -13.98
C ACE A 1 13.02 -4.38 -6.77
O ACE A 1 13.27 -3.34 -6.15
CH3 ACE A 1 12.65 -4.33 -8.22
H1 ACE A 1 12.78 -5.32 -8.65
H2 ACE A 1 13.28 -3.64 -8.74
H3 ACE A 1 11.61 -4.01 -8.30
N PRO A 2 13.07 -5.58 -6.19
CA PRO A 2 11.87 -6.38 -5.94
C PRO A 2 10.85 -5.63 -5.08
N PRO A 3 9.66 -5.35 -5.62
CA PRO A 3 8.63 -4.61 -4.89
C PRO A 3 8.03 -5.43 -3.76
N THR A 4 8.49 -5.18 -2.54
CA THR A 4 8.00 -5.88 -1.38
C THR A 4 6.59 -5.43 -1.01
N LYS A 5 5.67 -6.38 -0.95
CA LYS A 5 4.28 -6.08 -0.63
C LYS A 5 4.13 -5.75 0.85
N PRO A 6 3.37 -4.69 1.17
CA PRO A 6 3.14 -4.26 2.55
C PRO A 6 2.05 -5.09 3.24
N THR A 7 1.98 -4.98 4.55
CA THR A 7 0.99 -5.71 5.32
C THR A 7 -0.27 -4.87 5.53
N LYS A 8 -1.39 -5.54 5.75
CA LYS A 8 -2.65 -4.88 6.01
C LYS A 8 -2.63 -4.21 7.39
N PRO A 9 -2.82 -2.88 7.44
CA PRO A 9 -2.89 -2.13 8.71
C PRO A 9 -3.97 -2.67 9.63
N GLY A 10 -3.64 -2.85 10.89
CA GLY A 10 -4.59 -3.38 11.85
C GLY A 10 -5.20 -2.28 12.71
N ASP A 11 -4.39 -1.74 13.61
CA ASP A 11 -4.83 -0.64 14.47
C ASP A 11 -4.47 0.69 13.84
N ASN A 12 -3.45 0.66 13.00
CA ASN A 12 -3.00 1.84 12.27
C ASN A 12 -3.82 2.01 11.00
N ALA A 13 -4.89 1.22 10.88
CA ALA A 13 -5.78 1.27 9.74
C ALA A 13 -6.75 2.44 9.83
N THR A 14 -6.34 3.48 10.54
CA THR A 14 -7.13 4.69 10.69
C THR A 14 -7.39 5.31 9.32
N PRO A 15 -8.59 5.91 9.12
CA PRO A 15 -8.96 6.53 7.84
C PRO A 15 -7.85 7.38 7.23
N GLU A 16 -7.08 8.03 8.10
CA GLU A 16 -5.97 8.88 7.67
C GLU A 16 -4.89 8.07 6.98
N LYS A 17 -4.37 7.07 7.67
CA LYS A 17 -3.23 6.31 7.18
C LYS A 17 -3.68 5.23 6.21
N LEU A 18 -4.92 4.79 6.36
CA LEU A 18 -5.48 3.78 5.47
C LEU A 18 -5.55 4.32 4.05
N ALA A 19 -5.86 5.61 3.94
CA ALA A 19 -5.90 6.28 2.66
C ALA A 19 -4.50 6.37 2.06
N LYS A 20 -3.54 6.70 2.91
CA LYS A 20 -2.14 6.74 2.50
C LYS A 20 -1.68 5.35 2.06
CA 4PH A 21 -1.85 2.96 2.46
CB 4PH A 21 -2.46 2.04 3.53
CG 4PH A 21 -2.24 0.57 3.27
CD2 4PH A 21 -3.29 -0.25 2.91
CD1 4PH A 21 -0.97 0.02 3.40
CE2 4PH A 21 -3.09 -1.60 2.67
CE1 4PH A 21 -0.77 -1.33 3.17
CZ 4PH A 21 -1.83 -2.13 2.81
C 4PH A 21 -2.36 2.60 1.07
C33 4PH A 21 -1.62 -3.47 2.55
O 4PH A 21 -1.61 2.08 0.26
N 4PH A 21 -2.17 4.34 2.78
HA 4PH A 21 -0.77 2.85 2.48
HB2 4PH A 21 -3.52 2.21 3.57
HB3 4PH A 21 -2.03 2.27 4.49
HD2 4PH A 21 -4.27 0.18 2.81
HD1 4PH A 21 -0.15 0.65 3.69
HE2 4PH A 21 -3.92 -2.22 2.38
HE1 4PH A 21 0.21 -1.74 3.29
H33 4PH A 21 -0.62 -3.62 2.16
H33A 4PH A 21 -1.74 -4.05 3.46
H33B 4PH A 21 -2.34 -3.80 1.80
H 4PH A 21 -2.75 4.54 3.53
N GLN A 22 -3.62 2.90 0.79
CA GLN A 22 -4.19 2.64 -0.53
C GLN A 22 -3.42 3.37 -1.61
N ALA A 23 -2.96 4.58 -1.30
CA ALA A 23 -2.17 5.36 -2.23
C ALA A 23 -0.80 4.73 -2.46
N ASP A 24 -0.23 4.21 -1.39
CA ASP A 24 1.05 3.50 -1.47
C ASP A 24 0.89 2.20 -2.25
N LEU A 25 -0.26 1.55 -2.08
CA LEU A 25 -0.58 0.34 -2.81
C LEU A 25 -0.73 0.63 -4.29
N ALA A 26 -1.17 1.83 -4.63
CA ALA A 26 -1.27 2.25 -6.02
C ALA A 26 0.12 2.25 -6.64
N LYS A 27 1.12 2.65 -5.85
CA LYS A 27 2.50 2.63 -6.30
C LYS A 27 3.00 1.20 -6.41
CA 4PH A 28 2.98 -1.03 -5.45
CB 4PH A 28 2.50 -1.72 -4.15
CG 4PH A 28 2.48 -3.22 -4.23
CD2 4PH A 28 1.26 -3.90 -4.31
CD1 4PH A 28 3.65 -3.96 -4.24
CE2 4PH A 28 1.22 -5.27 -4.39
CE1 4PH A 28 3.61 -5.34 -4.33
CZ 4PH A 28 2.39 -5.99 -4.41
C 4PH A 28 2.38 -1.72 -6.66
C33 4PH A 28 2.35 -7.37 -4.51
O 4PH A 28 3.05 -2.46 -7.37
N 4PH A 28 2.65 0.38 -5.43
HA 4PH A 28 4.05 -1.12 -5.51
HB2 4PH A 28 1.50 -1.38 -3.94
HB3 4PH A 28 3.15 -1.45 -3.34
HD2 4PH A 28 0.34 -3.33 -4.31
HD1 4PH A 28 4.59 -3.45 -4.18
HE2 4PH A 28 0.26 -5.78 -4.45
HE1 4PH A 28 4.53 -5.91 -4.33
H33 4PH A 28 3.21 -7.80 -4.01
H33A 4PH A 28 1.44 -7.74 -4.06
H33B 4PH A 28 2.38 -7.65 -5.56
H 4PH A 28 2.13 0.74 -4.68
N GLN A 29 1.10 -1.46 -6.93
CA GLN A 29 0.39 -2.08 -8.04
C GLN A 29 1.00 -1.66 -9.37
N LYS A 30 1.56 -0.46 -9.40
CA LYS A 30 2.23 0.04 -10.59
C LYS A 30 3.58 -0.63 -10.78
N ASP A 31 4.38 -0.66 -9.71
CA ASP A 31 5.71 -1.25 -9.76
C ASP A 31 5.61 -2.75 -10.02
N LEU A 32 4.60 -3.37 -9.42
CA LEU A 32 4.36 -4.80 -9.59
C LEU A 32 4.07 -5.12 -11.04
N ALA A 33 3.24 -4.29 -11.66
CA ALA A 33 2.84 -4.47 -13.06
C ALA A 33 4.05 -4.36 -13.99
N ASP A 34 4.91 -3.40 -13.70
CA ASP A 34 6.11 -3.18 -14.52
C ASP A 34 7.15 -4.27 -14.25
CA 4PH A 35 8.02 -5.91 -12.66
CB 4PH A 35 7.97 -6.08 -11.14
CG 4PH A 35 8.99 -7.05 -10.59
CD2 4PH A 35 10.34 -6.75 -10.63
CD1 4PH A 35 8.59 -8.23 -10.01
CE2 4PH A 35 11.28 -7.62 -10.11
CE1 4PH A 35 9.51 -9.11 -9.48
CZ 4PH A 35 10.85 -8.81 -9.53
C 4PH A 35 7.66 -7.22 -13.36
C33 4PH A 35 11.78 -9.68 -8.99
O 4PH A 35 8.53 -8.08 -13.57
N 4PH A 35 7.09 -4.85 -13.06
HA 4PH A 35 9.01 -5.61 -12.96
HB2 4PH A 35 7.00 -6.43 -10.86
HB3 4PH A 35 8.15 -5.12 -10.68
HD2 4PH A 35 10.66 -5.82 -11.08
HD1 4PH A 35 7.54 -8.48 -9.96
HE2 4PH A 35 12.32 -7.38 -10.15
HE1 4PH A 35 9.18 -10.03 -9.03
H33 4PH A 35 12.63 -9.12 -8.63
H33A 4PH A 35 11.33 -10.23 -8.18
H33B 4PH A 35 12.12 -10.37 -9.75
H 4PH A 35 6.41 -4.56 -12.42
N NH2 A 36 6.40 -7.37 -13.72
HN1 NH2 A 36 5.78 -6.64 -13.51
HN2 NH2 A 36 6.15 -8.20 -14.17
C ACE A 1 12.84 -4.04 -7.92
O ACE A 1 13.17 -2.98 -7.39
CH3 ACE A 1 12.25 -4.06 -9.30
H1 ACE A 1 11.26 -4.51 -9.24
H2 ACE A 1 12.87 -4.65 -9.95
H3 ACE A 1 12.20 -3.04 -9.67
N PRO A 2 13.00 -5.22 -7.31
CA PRO A 2 11.86 -5.97 -6.76
C PRO A 2 11.09 -5.15 -5.72
N PRO A 3 9.83 -4.82 -6.01
CA PRO A 3 9.02 -4.00 -5.10
C PRO A 3 8.58 -4.77 -3.87
N THR A 4 8.68 -4.13 -2.72
CA THR A 4 8.27 -4.74 -1.46
C THR A 4 6.84 -4.35 -1.12
N LYS A 5 6.01 -5.34 -0.84
CA LYS A 5 4.62 -5.11 -0.51
C LYS A 5 4.48 -4.55 0.91
N PRO A 6 3.49 -3.71 1.13
CA PRO A 6 3.19 -3.17 2.45
C PRO A 6 2.34 -4.14 3.27
N THR A 7 2.37 -3.98 4.59
CA THR A 7 1.61 -4.87 5.47
C THR A 7 0.20 -4.32 5.67
N LYS A 8 -0.75 -5.24 5.78
CA LYS A 8 -2.16 -4.90 5.98
C LYS A 8 -2.33 -4.14 7.30
N PRO A 9 -2.78 -2.87 7.24
CA PRO A 9 -3.05 -2.08 8.44
C PRO A 9 -4.23 -2.63 9.23
N GLY A 10 -3.96 -3.14 10.41
CA GLY A 10 -5.01 -3.62 11.29
C GLY A 10 -5.33 -2.60 12.36
N ASP A 11 -4.38 -2.38 13.24
CA ASP A 11 -4.56 -1.43 14.34
C ASP A 11 -4.26 -0.01 13.85
N ASN A 12 -3.29 0.10 12.95
CA ASN A 12 -2.88 1.40 12.41
C ASN A 12 -3.77 1.80 11.22
N ALA A 13 -4.85 1.07 11.03
CA ALA A 13 -5.75 1.25 9.89
C ALA A 13 -6.63 2.49 10.01
N THR A 14 -6.16 3.48 10.75
CA THR A 14 -6.91 4.72 10.93
C THR A 14 -7.16 5.40 9.57
N PRO A 15 -8.41 5.85 9.34
CA PRO A 15 -8.91 6.33 8.05
C PRO A 15 -7.87 7.05 7.16
N GLU A 16 -7.32 8.15 7.65
CA GLU A 16 -6.40 8.96 6.84
C GLU A 16 -5.14 8.17 6.48
N LYS A 17 -4.64 7.42 7.42
CA LYS A 17 -3.44 6.61 7.20
C LYS A 17 -3.78 5.41 6.32
N LEU A 18 -5.01 4.93 6.44
CA LEU A 18 -5.52 3.85 5.61
C LEU A 18 -5.63 4.31 4.16
N ALA A 19 -6.05 5.57 3.99
CA ALA A 19 -6.15 6.17 2.69
C ALA A 19 -4.75 6.39 2.09
N LYS A 20 -3.82 6.81 2.95
CA LYS A 20 -2.43 6.97 2.54
C LYS A 20 -1.84 5.62 2.15
CA 4PH A 21 -1.87 3.22 2.54
CB 4PH A 21 -2.46 2.26 3.58
CG 4PH A 21 -2.33 0.80 3.25
CD2 4PH A 21 -1.11 0.17 3.35
CD1 4PH A 21 -3.43 0.08 2.83
CE2 4PH A 21 -0.99 -1.17 3.05
CE1 4PH A 21 -3.32 -1.26 2.54
CZ 4PH A 21 -2.10 -1.89 2.63
C 4PH A 21 -2.32 2.82 1.14
C33 4PH A 21 -1.97 -3.23 2.34
O 4PH A 21 -1.58 2.19 0.38
N 4PH A 21 -2.26 4.58 2.85
HA 4PH A 21 -0.80 3.16 2.58
HB2 4PH A 21 -3.52 2.48 3.69
HB3 4PH A 21 -1.98 2.43 4.54
HD2 4PH A 21 -0.25 0.72 3.67
HD1 4PH A 21 -4.39 0.57 2.76
HE2 4PH A 21 -0.04 -1.66 3.14
HE1 4PH A 21 -4.19 -1.82 2.21
H33 4PH A 21 -1.20 -3.67 2.96
H33A 4PH A 21 -2.92 -3.73 2.54
H33B 4PH A 21 -1.70 -3.35 1.31
H 4PH A 21 -2.86 4.73 3.62
N GLN A 22 -3.54 3.22 0.78
CA GLN A 22 -4.07 2.94 -0.56
C GLN A 22 -3.24 3.67 -1.61
N ALA A 23 -2.66 4.79 -1.22
CA ALA A 23 -1.78 5.55 -2.11
C ALA A 23 -0.47 4.77 -2.33
N ASP A 24 0.03 4.16 -1.27
CA ASP A 24 1.25 3.36 -1.37
C ASP A 24 0.98 2.08 -2.16
N LEU A 25 -0.22 1.53 -2.00
CA LEU A 25 -0.66 0.41 -2.82
C LEU A 25 -0.65 0.76 -4.29
N ALA A 26 -1.08 1.98 -4.61
CA ALA A 26 -1.10 2.44 -5.99
C ALA A 26 0.30 2.40 -6.60
N LYS A 27 1.29 2.72 -5.79
CA LYS A 27 2.69 2.66 -6.21
C LYS A 27 3.10 1.20 -6.38
CA 4PH A 28 3.07 -1.02 -5.38
CB 4PH A 28 2.61 -1.66 -4.06
CG 4PH A 28 2.65 -3.17 -4.05
CD2 4PH A 28 1.47 -3.89 -3.95
CD1 4PH A 28 3.85 -3.85 -4.12
CE2 4PH A 28 1.49 -5.28 -3.94
CE1 4PH A 28 3.87 -5.24 -4.12
CZ 4PH A 28 2.69 -5.94 -4.03
C 4PH A 28 2.43 -1.75 -6.56
C33 4PH A 28 2.72 -7.33 -4.03
O 4PH A 28 3.08 -2.55 -7.22
N 4PH A 28 2.74 0.38 -5.39
HA 4PH A 28 4.14 -1.11 -5.45
HB2 4PH A 28 1.60 -1.35 -3.86
HB3 4PH A 28 3.26 -1.31 -3.26
HD2 4PH A 28 0.53 -3.37 -3.88
HD1 4PH A 28 4.77 -3.30 -4.20
HE2 4PH A 28 0.56 -5.83 -3.87
HE1 4PH A 28 4.81 -5.76 -4.19
H33 4PH A 28 2.64 -7.69 -5.05
H33A 4PH A 28 3.64 -7.68 -3.58
H33B 4PH A 28 1.87 -7.69 -3.47
H 4PH A 28 2.22 0.76 -4.65
N GLN A 29 1.17 -1.45 -6.82
CA GLN A 29 0.43 -2.10 -7.91
C GLN A 29 1.07 -1.80 -9.26
N LYS A 30 1.47 -0.55 -9.45
CA LYS A 30 2.08 -0.13 -10.71
C LYS A 30 3.45 -0.75 -10.89
N ASP A 31 4.26 -0.74 -9.84
CA ASP A 31 5.60 -1.30 -9.89
C ASP A 31 5.53 -2.82 -10.04
N LEU A 32 4.53 -3.42 -9.41
CA LEU A 32 4.30 -4.86 -9.49
C LEU A 32 3.90 -5.24 -10.91
N ALA A 33 3.03 -4.43 -11.51
CA ALA A 33 2.54 -4.67 -12.85
C ALA A 33 3.68 -4.68 -13.86
N ASP A 34 4.68 -3.85 -13.62
CA ASP A 34 5.86 -3.79 -14.47
C ASP A 34 6.80 -4.96 -14.18
CA 4PH A 35 7.71 -6.48 -12.50
CB 4PH A 35 7.78 -6.52 -10.97
CG 4PH A 35 8.82 -7.47 -10.43
CD2 4PH A 35 8.45 -8.52 -9.60
CD1 4PH A 35 10.16 -7.29 -10.73
CE2 4PH A 35 9.41 -9.38 -9.09
CE1 4PH A 35 11.12 -8.15 -10.22
CZ 4PH A 35 10.75 -9.19 -9.40
C 4PH A 35 7.21 -7.82 -13.04
C33 4PH A 35 11.71 -10.05 -8.89
O 4PH A 35 7.99 -8.67 -13.47
N 4PH A 35 6.84 -5.39 -12.93
HA 4PH A 35 8.69 -6.29 -12.90
HB2 4PH A 35 6.83 -6.82 -10.59
HB3 4PH A 35 8.01 -5.53 -10.61
HD2 4PH A 35 7.41 -8.66 -9.36
HD1 4PH A 35 10.45 -6.47 -11.38
HE2 4PH A 35 9.12 -10.19 -8.45
HE1 4PH A 35 12.16 -7.99 -10.47
H33 4PH A 35 11.37 -10.43 -7.93
H33A 4PH A 35 11.85 -10.88 -9.58
H33B 4PH A 35 12.63 -9.51 -8.76
H 4PH A 35 6.26 -4.96 -12.26
N NH2 A 36 5.90 -8.01 -13.02
HN1 NH2 A 36 5.33 -7.28 -12.66
HN2 NH2 A 36 5.54 -8.85 -13.36
C ACE A 1 13.32 -6.08 -6.34
O ACE A 1 13.88 -5.23 -5.64
CH3 ACE A 1 13.05 -5.82 -7.80
H1 ACE A 1 13.60 -4.94 -8.11
H2 ACE A 1 12.00 -5.67 -7.94
H3 ACE A 1 13.36 -6.70 -8.36
N PRO A 2 12.92 -7.25 -5.84
CA PRO A 2 11.51 -7.65 -5.78
C PRO A 2 10.66 -6.63 -5.04
N PRO A 3 9.62 -6.09 -5.69
CA PRO A 3 8.75 -5.10 -5.08
C PRO A 3 7.91 -5.68 -3.95
N THR A 4 8.25 -5.33 -2.73
CA THR A 4 7.58 -5.86 -1.56
C THR A 4 6.29 -5.12 -1.29
N LYS A 5 5.23 -5.85 -1.01
CA LYS A 5 3.95 -5.25 -0.70
C LYS A 5 3.92 -4.83 0.77
N PRO A 6 3.14 -3.79 1.10
CA PRO A 6 2.97 -3.35 2.49
C PRO A 6 2.10 -4.32 3.29
N THR A 7 2.22 -4.25 4.61
CA THR A 7 1.44 -5.12 5.47
C THR A 7 0.08 -4.50 5.77
N LYS A 8 -0.90 -5.36 6.01
CA LYS A 8 -2.28 -4.93 6.25
C LYS A 8 -2.38 -4.11 7.53
N PRO A 9 -2.91 -2.87 7.45
CA PRO A 9 -3.11 -2.03 8.62
C PRO A 9 -4.11 -2.63 9.60
N GLY A 10 -3.68 -2.84 10.83
CA GLY A 10 -4.56 -3.36 11.85
C GLY A 10 -5.08 -2.29 12.77
N ASP A 11 -4.20 -1.76 13.61
CA ASP A 11 -4.55 -0.67 14.52
C ASP A 11 -4.37 0.67 13.82
N ASN A 12 -3.39 0.70 12.92
CA ASN A 12 -3.09 1.89 12.14
C ASN A 12 -4.06 2.06 10.97
N ALA A 13 -5.09 1.23 10.95
CA ALA A 13 -6.08 1.25 9.87
C ALA A 13 -7.04 2.44 9.99
N THR A 14 -6.59 3.48 10.67
CA THR A 14 -7.34 4.72 10.76
C THR A 14 -7.53 5.31 9.37
N PRO A 15 -8.71 5.87 9.08
CA PRO A 15 -9.08 6.40 7.76
C PRO A 15 -7.96 7.18 7.07
N GLU A 16 -7.24 7.99 7.83
CA GLU A 16 -6.19 8.84 7.27
C GLU A 16 -5.00 8.01 6.80
N LYS A 17 -4.53 7.10 7.65
CA LYS A 17 -3.40 6.26 7.31
C LYS A 17 -3.83 5.19 6.31
N LEU A 18 -5.10 4.84 6.36
CA LEU A 18 -5.66 3.86 5.44
C LEU A 18 -5.67 4.42 4.02
N ALA A 19 -5.85 5.74 3.92
CA ALA A 19 -5.80 6.43 2.64
C ALA A 19 -4.37 6.47 2.13
N LYS A 20 -3.43 6.77 3.02
CA LYS A 20 -2.00 6.72 2.69
C LYS A 20 -1.62 5.32 2.24
CA 4PH A 21 -1.95 2.92 2.58
CB 4PH A 21 -2.69 2.02 3.57
CG 4PH A 21 -2.54 0.55 3.31
CD2 4PH A 21 -3.61 -0.18 2.82
CD1 4PH A 21 -1.34 -0.09 3.55
CE2 4PH A 21 -3.48 -1.54 2.58
CE1 4PH A 21 -1.20 -1.45 3.31
CZ 4PH A 21 -2.27 -2.16 2.83
C 4PH A 21 -2.39 2.64 1.15
C33 4PH A 21 -2.13 -3.52 2.56
O 4PH A 21 -1.64 2.06 0.36
N 4PH A 21 -2.18 4.32 2.92
HA 4PH A 21 -0.89 2.74 2.65
HB2 4PH A 21 -3.74 2.25 3.54
HB3 4PH A 21 -2.31 2.21 4.57
HD2 4PH A 21 -4.55 0.31 2.64
HD1 4PH A 21 -0.50 0.47 3.93
HE2 4PH A 21 -4.31 -2.10 2.20
HE1 4PH A 21 -0.27 -1.93 3.50
H33 4PH A 21 -1.42 -3.95 3.24
H33A 4PH A 21 -3.09 -4.00 2.66
H33B 4PH A 21 -1.76 -3.64 1.55
H 4PH A 21 -2.76 4.53 3.68
N GLN A 22 -3.59 3.09 0.78
CA GLN A 22 -4.11 2.91 -0.57
C GLN A 22 -3.20 3.58 -1.60
N ALA A 23 -2.60 4.69 -1.20
CA ALA A 23 -1.67 5.42 -2.06
C ALA A 23 -0.38 4.62 -2.25
N ASP A 24 0.04 3.93 -1.20
CA ASP A 24 1.23 3.09 -1.27
C ASP A 24 0.97 1.86 -2.13
N LEU A 25 -0.25 1.32 -2.03
CA LEU A 25 -0.67 0.21 -2.87
C LEU A 25 -0.65 0.60 -4.35
N ALA A 26 -0.97 1.85 -4.62
CA ALA A 26 -0.92 2.36 -6.00
C ALA A 26 0.49 2.29 -6.54
N LYS A 27 1.45 2.66 -5.71
CA LYS A 27 2.85 2.57 -6.09
C LYS A 27 3.25 1.12 -6.28
CA 4PH A 28 3.11 -1.15 -5.43
CB 4PH A 28 2.63 -1.84 -4.13
CG 4PH A 28 2.66 -3.35 -4.20
CD2 4PH A 28 1.48 -4.07 -4.12
CD1 4PH A 28 3.85 -4.04 -4.36
CE2 4PH A 28 1.48 -5.45 -4.20
CE1 4PH A 28 3.86 -5.43 -4.44
CZ 4PH A 28 2.67 -6.12 -4.35
C 4PH A 28 2.49 -1.83 -6.65
C33 4PH A 28 2.68 -7.50 -4.43
O 4PH A 28 3.20 -2.49 -7.40
N 4PH A 28 2.79 0.27 -5.38
HA 4PH A 28 4.18 -1.23 -5.49
HB2 4PH A 28 1.63 -1.53 -3.92
HB3 4PH A 28 3.28 -1.54 -3.32
HD2 4PH A 28 0.54 -3.54 -3.99
HD1 4PH A 28 4.78 -3.50 -4.42
HE2 4PH A 28 0.55 -6.00 -4.13
HE1 4PH A 28 4.79 -5.95 -4.55
H33 4PH A 28 3.61 -7.89 -4.04
H33A 4PH A 28 1.85 -7.90 -3.87
H33B 4PH A 28 2.59 -7.80 -5.47
H 4PH A 28 2.21 0.61 -4.66
N GLN A 29 1.19 -1.67 -6.84
CA GLN A 29 0.49 -2.35 -7.92
C GLN A 29 0.97 -1.89 -9.29
N LYS A 30 1.25 -0.59 -9.41
CA LYS A 30 1.72 -0.03 -10.66
C LYS A 30 3.13 -0.53 -10.97
N ASP A 31 3.99 -0.58 -9.95
CA ASP A 31 5.35 -1.06 -10.13
C ASP A 31 5.37 -2.57 -10.35
N LEU A 32 4.44 -3.26 -9.68
CA LEU A 32 4.29 -4.71 -9.83
C LEU A 32 3.97 -5.04 -11.28
N ALA A 33 3.17 -4.19 -11.90
CA ALA A 33 2.77 -4.36 -13.29
C ALA A 33 3.97 -4.34 -14.24
N ASP A 34 4.96 -3.53 -13.91
CA ASP A 34 6.16 -3.42 -14.72
C ASP A 34 7.14 -4.56 -14.41
CA 4PH A 35 7.89 -6.19 -12.78
CB 4PH A 35 7.89 -6.27 -11.24
CG 4PH A 35 8.80 -7.31 -10.68
CD2 4PH A 35 10.18 -7.11 -10.67
CD1 4PH A 35 8.30 -8.48 -10.14
CE2 4PH A 35 11.03 -8.06 -10.14
CE1 4PH A 35 9.14 -9.43 -9.60
CZ 4PH A 35 10.50 -9.22 -9.61
C 4PH A 35 7.43 -7.50 -13.38
C33 4PH A 35 11.35 -10.18 -9.07
O 4PH A 35 6.35 -8.01 -13.05
N 4PH A 35 7.03 -5.10 -13.21
HA 4PH A 35 8.89 -5.97 -13.12
HB2 4PH A 35 6.89 -6.49 -10.91
HB3 4PH A 35 8.19 -5.31 -10.85
HD2 4PH A 35 10.58 -6.20 -11.09
HD1 4PH A 35 7.23 -8.65 -10.13
HE2 4PH A 35 12.10 -7.90 -10.15
HE1 4PH A 35 8.74 -10.35 -9.19
H33 4PH A 35 10.91 -11.16 -9.18
H33A 4PH A 35 12.31 -10.15 -9.57
H33B 4PH A 35 11.49 -9.98 -8.01
H 4PH A 35 6.35 -4.76 -12.59
N NH2 A 36 8.23 -8.05 -14.28
HN1 NH2 A 36 9.07 -7.58 -14.51
HN2 NH2 A 36 7.96 -8.90 -14.68
C ACE A 1 12.55 -4.57 -7.72
O ACE A 1 12.85 -3.44 -7.32
CH3 ACE A 1 12.03 -4.78 -9.11
H1 ACE A 1 12.76 -4.42 -9.82
H2 ACE A 1 11.12 -4.24 -9.23
H3 ACE A 1 11.84 -5.84 -9.25
N PRO A 2 12.70 -5.66 -6.94
CA PRO A 2 11.54 -6.43 -6.45
C PRO A 2 10.62 -5.60 -5.56
N PRO A 3 9.38 -5.36 -6.02
CA PRO A 3 8.37 -4.65 -5.22
C PRO A 3 7.92 -5.47 -4.01
N THR A 4 7.93 -4.85 -2.84
CA THR A 4 7.49 -5.51 -1.63
C THR A 4 6.06 -5.10 -1.27
N LYS A 5 5.17 -6.07 -1.18
CA LYS A 5 3.78 -5.78 -0.87
C LYS A 5 3.61 -5.43 0.61
N PRO A 6 2.81 -4.40 0.91
CA PRO A 6 2.54 -3.98 2.28
C PRO A 6 1.45 -4.83 2.94
N THR A 7 1.43 -4.81 4.27
CA THR A 7 0.47 -5.61 5.02
C THR A 7 -0.78 -4.79 5.35
N LYS A 8 -1.88 -5.48 5.60
CA LYS A 8 -3.15 -4.84 5.91
C LYS A 8 -3.08 -4.12 7.26
N PRO A 9 -3.33 -2.80 7.28
CA PRO A 9 -3.30 -2.01 8.50
C PRO A 9 -4.22 -2.55 9.58
N GLY A 10 -3.66 -2.82 10.74
CA GLY A 10 -4.43 -3.30 11.87
C GLY A 10 -4.72 -2.21 12.86
N ASP A 11 -3.68 -1.76 13.56
CA ASP A 11 -3.84 -0.70 14.56
C ASP A 11 -3.52 0.66 13.94
N ASN A 12 -2.85 0.64 12.79
CA ASN A 12 -2.54 1.86 12.05
C ASN A 12 -3.62 2.15 11.01
N ALA A 13 -4.72 1.40 11.09
CA ALA A 13 -5.81 1.49 10.14
C ALA A 13 -6.66 2.75 10.35
N THR A 14 -6.06 3.79 10.90
CA THR A 14 -6.72 5.08 11.05
C THR A 14 -7.15 5.60 9.68
N PRO A 15 -8.31 6.28 9.60
CA PRO A 15 -8.82 6.82 8.33
C PRO A 15 -7.77 7.62 7.58
N GLU A 16 -6.84 8.20 8.31
CA GLU A 16 -5.76 8.99 7.73
C GLU A 16 -4.76 8.09 7.01
N LYS A 17 -4.27 7.08 7.70
CA LYS A 17 -3.24 6.20 7.17
C LYS A 17 -3.83 5.18 6.21
N LEU A 18 -5.09 4.82 6.45
CA LEU A 18 -5.78 3.84 5.63
C LEU A 18 -5.92 4.33 4.20
N ALA A 19 -6.17 5.63 4.05
CA ALA A 19 -6.30 6.24 2.75
C ALA A 19 -4.95 6.32 2.05
N LYS A 20 -3.92 6.69 2.81
CA LYS A 20 -2.57 6.74 2.28
C LYS A 20 -2.07 5.33 1.94
CA 4PH A 21 -2.24 2.96 2.44
CB 4PH A 21 -2.86 2.08 3.53
CG 4PH A 21 -2.71 0.61 3.27
CD2 4PH A 21 -1.47 0.00 3.32
CD1 4PH A 21 -3.82 -0.16 2.94
CE2 4PH A 21 -1.34 -1.35 3.05
CE1 4PH A 21 -3.69 -1.51 2.67
CZ 4PH A 21 -2.44 -2.10 2.73
C 4PH A 21 -2.72 2.54 1.07
C33 4PH A 21 -2.29 -3.45 2.42
O 4PH A 21 -2.00 1.89 0.32
N 4PH A 21 -2.55 4.36 2.70
HA 4PH A 21 -1.16 2.86 2.48
HB2 4PH A 21 -3.91 2.30 3.60
HB3 4PH A 21 -2.38 2.29 4.48
HD2 4PH A 21 -0.60 0.58 3.57
HD1 4PH A 21 -4.79 0.31 2.89
HE2 4PH A 21 -0.36 -1.81 3.10
HE1 4PH A 21 -4.56 -2.10 2.42
H33 4PH A 21 -2.36 -4.03 3.32
H33A 4PH A 21 -3.08 -3.74 1.74
H33B 4PH A 21 -1.33 -3.60 1.97
H 4PH A 21 -3.12 4.58 3.47
N GLN A 22 -3.95 2.92 0.73
CA GLN A 22 -4.51 2.63 -0.59
C GLN A 22 -3.65 3.26 -1.67
N ALA A 23 -3.09 4.43 -1.38
CA ALA A 23 -2.20 5.11 -2.29
C ALA A 23 -0.85 4.40 -2.38
N ASP A 24 -0.47 3.75 -1.29
CA ASP A 24 0.76 2.96 -1.25
C ASP A 24 0.61 1.73 -2.12
N LEU A 25 -0.58 1.14 -2.10
CA LEU A 25 -0.89 0.01 -2.99
C LEU A 25 -0.78 0.43 -4.44
N ALA A 26 -1.13 1.67 -4.74
CA ALA A 26 -1.00 2.18 -6.09
C ALA A 26 0.47 2.19 -6.52
N LYS A 27 1.36 2.43 -5.57
CA LYS A 27 2.79 2.37 -5.83
C LYS A 27 3.20 0.94 -6.13
CA 4PH A 28 2.97 -1.39 -5.46
CB 4PH A 28 2.40 -2.16 -4.26
CG 4PH A 28 2.40 -3.66 -4.40
CD2 4PH A 28 1.20 -4.35 -4.43
CD1 4PH A 28 3.58 -4.37 -4.50
CE2 4PH A 28 1.19 -5.72 -4.56
CE1 4PH A 28 3.57 -5.74 -4.63
CZ 4PH A 28 2.37 -6.41 -4.66
C 4PH A 28 2.42 -1.96 -6.77
C33 4PH A 28 2.36 -7.79 -4.77
O 4PH A 28 3.13 -2.60 -7.52
N 4PH A 28 2.67 0.02 -5.33
HA 4PH A 28 4.05 -1.51 -5.47
HB2 4PH A 28 1.37 -1.84 -4.10
HB3 4PH A 28 2.98 -1.92 -3.38
HD2 4PH A 28 0.27 -3.81 -4.35
HD1 4PH A 28 4.53 -3.84 -4.48
HE2 4PH A 28 0.25 -6.25 -4.58
HE1 4PH A 28 4.50 -6.28 -4.70
H33 4PH A 28 2.40 -8.24 -3.80
H33A 4PH A 28 1.46 -8.10 -5.29
H33B 4PH A 28 3.23 -8.11 -5.34
H 4PH A 28 2.05 0.31 -4.62
N GLN A 29 1.15 -1.68 -7.04
CA GLN A 29 0.48 -2.23 -8.21
C GLN A 29 1.11 -1.69 -9.50
N LYS A 30 1.55 -0.44 -9.47
CA LYS A 30 2.15 0.18 -10.64
C LYS A 30 3.54 -0.39 -10.90
N ASP A 31 4.33 -0.52 -9.83
CA ASP A 31 5.71 -0.98 -9.97
C ASP A 31 5.75 -2.49 -10.22
N LEU A 32 4.76 -3.20 -9.68
CA LEU A 32 4.65 -4.64 -9.88
C LEU A 32 4.44 -4.97 -11.35
N ALA A 33 3.78 -4.04 -12.06
CA ALA A 33 3.51 -4.20 -13.48
C ALA A 33 4.81 -4.33 -14.28
N ASP A 34 5.80 -3.53 -13.91
CA ASP A 34 7.09 -3.55 -14.60
C ASP A 34 7.85 -4.83 -14.27
CA 4PH A 35 8.16 -6.63 -12.65
CB 4PH A 35 8.01 -6.75 -11.14
CG 4PH A 35 8.79 -7.87 -10.51
CD2 4PH A 35 8.14 -8.97 -9.97
CD1 4PH A 35 10.17 -7.82 -10.46
CE2 4PH A 35 8.87 -9.99 -9.37
CE1 4PH A 35 10.90 -8.84 -9.88
CZ 4PH A 35 10.24 -9.92 -9.33
C 4PH A 35 7.56 -7.85 -13.35
C33 4PH A 35 10.97 -10.95 -8.74
O 4PH A 35 6.63 -8.48 -12.84
N 4PH A 35 7.53 -5.41 -13.11
HA 4PH A 35 9.21 -6.57 -12.91
HB2 4PH A 35 6.97 -6.90 -10.90
HB3 4PH A 35 8.34 -5.82 -10.68
HD2 4PH A 35 7.07 -9.02 -10.00
HD1 4PH A 35 10.69 -6.97 -10.89
HE2 4PH A 35 8.35 -10.84 -8.96
HE1 4PH A 35 11.97 -8.78 -9.85
H33 4PH A 35 10.38 -11.39 -7.96
H33A 4PH A 35 11.21 -11.70 -9.49
H33B 4PH A 35 11.87 -10.54 -8.32
H 4PH A 35 6.82 -5.00 -12.56
N NH2 A 36 8.07 -8.17 -14.52
HN1 NH2 A 36 8.80 -7.61 -14.88
HN2 NH2 A 36 7.70 -8.94 -15.01
C ACE A 1 13.54 -6.06 -6.77
O ACE A 1 14.08 -5.32 -5.95
CH3 ACE A 1 13.20 -5.58 -8.15
H1 ACE A 1 14.04 -5.02 -8.53
H2 ACE A 1 12.33 -4.94 -8.10
H3 ACE A 1 12.97 -6.44 -8.78
N PRO A 2 13.20 -7.33 -6.47
CA PRO A 2 11.81 -7.78 -6.38
C PRO A 2 11.01 -6.96 -5.38
N PRO A 3 9.93 -6.31 -5.83
CA PRO A 3 9.12 -5.45 -4.96
C PRO A 3 8.39 -6.26 -3.89
N THR A 4 8.35 -5.74 -2.68
CA THR A 4 7.69 -6.41 -1.59
C THR A 4 6.28 -5.86 -1.40
N LYS A 5 5.35 -6.74 -1.10
CA LYS A 5 3.98 -6.31 -0.85
C LYS A 5 3.86 -5.67 0.52
N PRO A 6 2.94 -4.70 0.67
CA PRO A 6 2.69 -4.05 1.96
C PRO A 6 1.93 -4.96 2.92
N THR A 7 2.02 -4.66 4.21
CA THR A 7 1.32 -5.42 5.22
C THR A 7 -0.04 -4.78 5.53
N LYS A 8 -0.98 -5.60 5.95
CA LYS A 8 -2.34 -5.14 6.22
C LYS A 8 -2.40 -4.37 7.53
N PRO A 9 -2.82 -3.09 7.48
CA PRO A 9 -2.98 -2.27 8.68
C PRO A 9 -4.05 -2.81 9.62
N GLY A 10 -3.69 -3.00 10.88
CA GLY A 10 -4.64 -3.50 11.85
C GLY A 10 -5.23 -2.40 12.70
N ASP A 11 -4.42 -1.83 13.58
CA ASP A 11 -4.87 -0.75 14.45
C ASP A 11 -4.54 0.60 13.83
N ASN A 12 -3.45 0.64 13.07
CA ASN A 12 -3.04 1.87 12.38
C ASN A 12 -3.89 2.09 11.12
N ALA A 13 -4.94 1.28 10.99
CA ALA A 13 -5.85 1.37 9.85
C ALA A 13 -6.78 2.58 9.97
N THR A 14 -6.32 3.61 10.66
CA THR A 14 -7.08 4.84 10.82
C THR A 14 -7.37 5.45 9.45
N PRO A 15 -8.59 5.99 9.25
CA PRO A 15 -9.05 6.53 7.96
C PRO A 15 -7.99 7.36 7.23
N GLU A 16 -7.26 8.18 7.97
CA GLU A 16 -6.29 9.09 7.37
C GLU A 16 -5.05 8.35 6.89
N LYS A 17 -4.66 7.31 7.60
CA LYS A 17 -3.49 6.52 7.22
C LYS A 17 -3.88 5.41 6.25
N LEU A 18 -5.10 4.91 6.40
CA LEU A 18 -5.61 3.86 5.54
C LEU A 18 -5.70 4.37 4.11
N ALA A 19 -5.98 5.67 3.98
CA ALA A 19 -6.03 6.32 2.68
C ALA A 19 -4.63 6.41 2.07
N LYS A 20 -3.66 6.76 2.91
CA LYS A 20 -2.27 6.82 2.46
C LYS A 20 -1.77 5.42 2.11
CA 4PH A 21 -1.93 3.04 2.57
CB 4PH A 21 -2.60 2.14 3.61
CG 4PH A 21 -2.46 0.67 3.36
CD2 4PH A 21 -1.25 0.03 3.55
CD1 4PH A 21 -3.55 -0.07 2.92
CE2 4PH A 21 -1.13 -1.33 3.30
CE1 4PH A 21 -3.42 -1.43 2.68
CZ 4PH A 21 -2.21 -2.05 2.87
C 4PH A 21 -2.38 2.68 1.15
C33 4PH A 21 -2.09 -3.41 2.61
O 4PH A 21 -1.65 2.04 0.40
N 4PH A 21 -2.23 4.44 2.86
HA 4PH A 21 -0.86 2.91 2.64
HB2 4PH A 21 -3.66 2.37 3.63
HB3 4PH A 21 -2.18 2.35 4.58
HD2 4PH A 21 -0.40 0.59 3.89
HD1 4PH A 21 -4.49 0.42 2.77
HE2 4PH A 21 -0.18 -1.82 3.46
HE1 4PH A 21 -4.28 -1.99 2.35
H33 4PH A 21 -1.79 -3.55 1.59
H33A 4PH A 21 -1.35 -3.84 3.27
H33B 4PH A 21 -3.04 -3.88 2.78
H 4PH A 21 -2.79 4.64 3.64
N GLN A 22 -3.58 3.13 0.78
CA GLN A 22 -4.11 2.89 -0.56
C GLN A 22 -3.20 3.51 -1.62
N ALA A 23 -2.59 4.64 -1.28
CA ALA A 23 -1.68 5.34 -2.17
C ALA A 23 -0.41 4.53 -2.39
N ASP A 24 0.07 3.90 -1.32
CA ASP A 24 1.26 3.05 -1.40
C ASP A 24 0.95 1.79 -2.21
N LEU A 25 -0.28 1.29 -2.07
CA LEU A 25 -0.74 0.18 -2.90
C LEU A 25 -0.73 0.56 -4.37
N ALA A 26 -1.05 1.81 -4.65
CA ALA A 26 -1.03 2.31 -6.02
C ALA A 26 0.38 2.28 -6.58
N LYS A 27 1.36 2.56 -5.73
CA LYS A 27 2.76 2.45 -6.10
C LYS A 27 3.12 0.99 -6.32
CA 4PH A 28 3.02 -1.28 -5.44
CB 4PH A 28 2.50 -2.00 -4.18
CG 4PH A 28 2.47 -3.49 -4.27
CD2 4PH A 28 1.25 -4.16 -4.25
CD1 4PH A 28 3.64 -4.23 -4.41
CE2 4PH A 28 1.21 -5.54 -4.36
CE1 4PH A 28 3.59 -5.61 -4.52
CZ 4PH A 28 2.38 -6.26 -4.49
C 4PH A 28 2.41 -1.92 -6.69
C33 4PH A 28 2.33 -7.63 -4.63
O 4PH A 28 3.09 -2.64 -7.41
N 4PH A 28 2.72 0.14 -5.37
HA 4PH A 28 4.09 -1.39 -5.48
HB2 4PH A 28 1.49 -1.65 -3.97
HB3 4PH A 28 3.13 -1.73 -3.34
HD2 4PH A 28 0.34 -3.61 -4.14
HD1 4PH A 28 4.59 -3.72 -4.44
HE2 4PH A 28 0.25 -6.05 -4.33
HE1 4PH A 28 4.51 -6.16 -4.62
H33 4PH A 28 3.17 -7.96 -5.22
H33A 4PH A 28 2.36 -8.10 -3.66
H33B 4PH A 28 1.41 -7.89 -5.14
H 4PH A 28 2.21 0.49 -4.61
N GLN A 29 1.14 -1.64 -6.94
CA GLN A 29 0.45 -2.24 -8.06
C GLN A 29 1.02 -1.77 -9.40
N LYS A 30 1.38 -0.49 -9.47
CA LYS A 30 1.94 0.07 -10.69
C LYS A 30 3.34 -0.49 -10.93
N ASP A 31 4.12 -0.61 -9.85
CA ASP A 31 5.49 -1.11 -9.95
C ASP A 31 5.49 -2.61 -10.21
N LEU A 32 4.53 -3.32 -9.63
CA LEU A 32 4.41 -4.76 -9.82
C LEU A 32 4.14 -5.07 -11.29
N ALA A 33 3.25 -4.29 -11.89
CA ALA A 33 2.91 -4.45 -13.30
C ALA A 33 4.12 -4.16 -14.18
N ASP A 34 4.86 -3.12 -13.83
CA ASP A 34 6.08 -2.75 -14.55
C ASP A 34 7.13 -3.85 -14.44
CA 4PH A 35 8.12 -5.55 -13.02
CB 4PH A 35 8.16 -5.86 -11.51
CG 4PH A 35 9.21 -6.85 -11.11
CD2 4PH A 35 8.87 -8.11 -10.65
CD1 4PH A 35 10.56 -6.50 -11.18
CE2 4PH A 35 9.85 -9.01 -10.27
CE1 4PH A 35 11.54 -7.40 -10.79
CZ 4PH A 35 11.17 -8.64 -10.34
C 4PH A 35 7.70 -6.80 -13.79
C33 4PH A 35 12.15 -9.54 -9.93
O 4PH A 35 8.53 -7.47 -14.42
N 4PH A 35 7.18 -4.47 -13.27
HA 4PH A 35 9.10 -5.25 -13.34
HB2 4PH A 35 7.21 -6.24 -11.21
HB3 4PH A 35 8.35 -4.94 -10.99
HD2 4PH A 35 7.83 -8.38 -10.59
HD1 4PH A 35 10.84 -5.52 -11.53
HE2 4PH A 35 9.57 -9.99 -9.91
HE1 4PH A 35 12.57 -7.12 -10.85
H33 4PH A 35 12.46 -10.14 -10.77
H33A 4PH A 35 13.00 -8.99 -9.54
H33B 4PH A 35 11.75 -10.18 -9.16
H 4PH A 35 6.60 -4.18 -12.54
N NH2 A 36 6.41 -7.11 -13.76
HN1 NH2 A 36 5.81 -6.54 -13.24
HN2 NH2 A 36 6.12 -7.91 -14.25
C ACE A 1 12.53 -4.90 -7.36
O ACE A 1 12.93 -3.89 -6.77
CH3 ACE A 1 12.18 -4.84 -8.82
H1 ACE A 1 12.31 -5.83 -9.25
H2 ACE A 1 12.82 -4.14 -9.32
H3 ACE A 1 11.15 -4.51 -8.91
N PRO A 2 12.39 -6.07 -6.75
CA PRO A 2 11.07 -6.68 -6.48
C PRO A 2 10.18 -5.75 -5.64
N PRO A 3 8.99 -5.41 -6.17
CA PRO A 3 8.03 -4.56 -5.46
C PRO A 3 7.58 -5.18 -4.14
N THR A 4 8.04 -4.59 -3.04
CA THR A 4 7.69 -5.08 -1.72
C THR A 4 6.25 -4.72 -1.37
N LYS A 5 5.40 -5.74 -1.31
CA LYS A 5 4.00 -5.54 -1.00
C LYS A 5 3.82 -5.01 0.42
N PRO A 6 2.92 -4.03 0.61
CA PRO A 6 2.64 -3.46 1.92
C PRO A 6 1.95 -4.44 2.86
N THR A 7 2.14 -4.26 4.15
CA THR A 7 1.49 -5.09 5.13
C THR A 7 0.10 -4.54 5.44
N LYS A 8 -0.78 -5.41 5.91
CA LYS A 8 -2.15 -5.05 6.20
C LYS A 8 -2.24 -4.35 7.56
N PRO A 9 -2.61 -3.06 7.59
CA PRO A 9 -2.71 -2.30 8.84
C PRO A 9 -3.86 -2.81 9.71
N GLY A 10 -3.59 -3.01 10.99
CA GLY A 10 -4.61 -3.47 11.90
C GLY A 10 -5.21 -2.36 12.75
N ASP A 11 -4.43 -1.87 13.70
CA ASP A 11 -4.88 -0.80 14.59
C ASP A 11 -4.56 0.56 13.99
N ASN A 12 -3.53 0.58 13.16
CA ASN A 12 -3.09 1.79 12.49
C ASN A 12 -3.85 1.97 11.18
N ALA A 13 -4.87 1.15 11.00
CA ALA A 13 -5.70 1.18 9.79
C ALA A 13 -6.72 2.31 9.84
N THR A 14 -6.40 3.36 10.60
CA THR A 14 -7.27 4.51 10.73
C THR A 14 -7.49 5.16 9.37
N PRO A 15 -8.72 5.67 9.12
CA PRO A 15 -9.09 6.28 7.85
C PRO A 15 -8.02 7.20 7.25
N GLU A 16 -7.34 7.96 8.11
CA GLU A 16 -6.32 8.89 7.65
C GLU A 16 -5.13 8.16 7.05
N LYS A 17 -4.67 7.09 7.70
CA LYS A 17 -3.54 6.34 7.22
C LYS A 17 -3.97 5.35 6.15
N LEU A 18 -5.23 4.95 6.21
CA LEU A 18 -5.79 4.02 5.25
C LEU A 18 -5.78 4.64 3.86
N ALA A 19 -5.90 5.97 3.84
CA ALA A 19 -5.84 6.71 2.60
C ALA A 19 -4.43 6.69 2.03
N LYS A 20 -3.46 6.97 2.89
CA LYS A 20 -2.05 6.92 2.51
C LYS A 20 -1.68 5.50 2.10
CA 4PH A 21 -2.12 3.13 2.43
CB 4PH A 21 -2.91 2.27 3.43
CG 4PH A 21 -2.81 0.80 3.19
CD2 4PH A 21 -1.62 0.13 3.43
CD1 4PH A 21 -3.90 0.08 2.74
CE2 4PH A 21 -1.52 -1.23 3.22
CE1 4PH A 21 -3.80 -1.29 2.53
CZ 4PH A 21 -2.61 -1.94 2.77
C 4PH A 21 -2.56 2.85 1.00
C33 4PH A 21 -2.50 -3.29 2.54
O 4PH A 21 -1.89 2.12 0.27
N 4PH A 21 -2.29 4.53 2.77
HA 4PH A 21 -1.07 2.90 2.53
HB2 4PH A 21 -3.95 2.55 3.36
HB3 4PH A 21 -2.56 2.47 4.43
HD2 4PH A 21 -0.76 0.68 3.79
HD1 4PH A 21 -4.82 0.58 2.55
HE2 4PH A 21 -0.57 -1.73 3.41
HE1 4PH A 21 -4.65 -1.84 2.17
H33 4PH A 21 -3.18 -3.58 1.75
H33A 4PH A 21 -1.48 -3.55 2.26
H33B 4PH A 21 -2.77 -3.82 3.44
H 4PH A 21 -2.87 4.77 3.52
N GLN A 22 -3.66 3.46 0.59
CA GLN A 22 -4.15 3.33 -0.78
C GLN A 22 -3.12 3.87 -1.78
N ALA A 23 -2.45 4.95 -1.40
CA ALA A 23 -1.40 5.51 -2.23
C ALA A 23 -0.21 4.56 -2.30
N ASP A 24 0.07 3.90 -1.20
CA ASP A 24 1.15 2.92 -1.13
C ASP A 24 0.82 1.72 -2.03
N LEU A 25 -0.46 1.35 -2.05
CA LEU A 25 -0.93 0.29 -2.95
C LEU A 25 -0.83 0.73 -4.40
N ALA A 26 -1.14 1.99 -4.66
CA ALA A 26 -1.05 2.53 -6.01
C ALA A 26 0.38 2.45 -6.53
N LYS A 27 1.34 2.67 -5.63
CA LYS A 27 2.74 2.54 -5.98
C LYS A 27 3.11 1.08 -6.21
CA 4PH A 28 2.85 -1.21 -5.42
CB 4PH A 28 2.28 -1.92 -4.19
CG 4PH A 28 2.21 -3.41 -4.29
CD2 4PH A 28 0.98 -4.06 -4.29
CD1 4PH A 28 3.36 -4.18 -4.38
CE2 4PH A 28 0.91 -5.44 -4.39
CE1 4PH A 28 3.28 -5.56 -4.47
CZ 4PH A 28 2.06 -6.18 -4.47
C 4PH A 28 2.27 -1.84 -6.70
C33 4PH A 28 1.98 -7.56 -4.56
O 4PH A 28 2.96 -2.56 -7.41
N 4PH A 28 2.59 0.22 -5.35
HA 4PH A 28 3.92 -1.35 -5.44
HB2 4PH A 28 1.28 -1.55 -4.02
HB3 4PH A 28 2.89 -1.68 -3.33
HD2 4PH A 28 0.08 -3.47 -4.22
HD1 4PH A 28 4.32 -3.70 -4.38
HE2 4PH A 28 -0.06 -5.92 -4.40
HE1 4PH A 28 4.19 -6.15 -4.53
H33 4PH A 28 1.10 -7.91 -4.06
H33A 4PH A 28 1.94 -7.86 -5.60
H33B 4PH A 28 2.85 -7.99 -4.10
H 4PH A 28 2.01 0.56 -4.64
N GLN A 29 1.01 -1.53 -6.98
CA GLN A 29 0.31 -2.12 -8.12
C GLN A 29 1.01 -1.80 -9.43
N LYS A 30 1.45 -0.55 -9.58
CA LYS A 30 2.11 -0.12 -10.79
C LYS A 30 3.49 -0.76 -10.92
N ASP A 31 4.22 -0.80 -9.81
CA ASP A 31 5.57 -1.35 -9.81
C ASP A 31 5.52 -2.86 -10.07
N LEU A 32 4.45 -3.50 -9.59
CA LEU A 32 4.25 -4.93 -9.78
C LEU A 32 3.96 -5.22 -11.26
N ALA A 33 3.16 -4.33 -11.87
CA ALA A 33 2.81 -4.45 -13.28
C ALA A 33 4.05 -4.37 -14.16
N ASP A 34 4.99 -3.52 -13.77
CA ASP A 34 6.25 -3.38 -14.50
C ASP A 34 7.14 -4.60 -14.27
CA 4PH A 35 7.71 -6.45 -12.79
CB 4PH A 35 7.79 -6.59 -11.26
CG 4PH A 35 8.77 -7.62 -10.79
CD2 4PH A 35 8.35 -8.74 -10.09
CD1 4PH A 35 10.13 -7.48 -11.04
CE2 4PH A 35 9.26 -9.68 -9.64
CE1 4PH A 35 11.04 -8.41 -10.59
CZ 4PH A 35 10.59 -9.51 -9.89
C 4PH A 35 7.08 -7.68 -13.42
C33 4PH A 35 11.51 -10.46 -9.43
O 4PH A 35 6.47 -8.51 -12.75
N 4PH A 35 6.94 -5.26 -13.14
HA 4PH A 35 8.70 -6.31 -13.19
HB2 4PH A 35 6.82 -6.87 -10.90
HB3 4PH A 35 8.07 -5.65 -10.84
HD2 4PH A 35 7.29 -8.87 -9.88
HD1 4PH A 35 10.47 -6.61 -11.58
HE2 4PH A 35 8.91 -10.55 -9.09
HE1 4PH A 35 12.09 -8.28 -10.80
H33 4PH A 35 11.14 -10.91 -8.53
H33A 4PH A 35 11.66 -11.21 -10.19
H33B 4PH A 35 12.45 -9.96 -9.22
H 4PH A 35 6.26 -4.95 -12.52
N NH2 A 36 7.22 -7.80 -14.73
HN1 NH2 A 36 7.71 -7.09 -15.21
HN2 NH2 A 36 6.82 -8.57 -15.17
#